data_9FRM
#
_entry.id   9FRM
#
_cell.length_a   125.962
_cell.length_b   125.962
_cell.length_c   114.924
_cell.angle_alpha   90.000
_cell.angle_beta   90.000
_cell.angle_gamma   90.000
#
_symmetry.space_group_name_H-M   'P 43 21 2'
#
loop_
_entity.id
_entity.type
_entity.pdbx_description
1 polymer 'Glycogen phosphorylase, muscle form'
2 non-polymer '(7~{S})-1-(4-hydroxyphenyl)-2-[(4-hydroxyphenyl)amino]-6,6-dimethyl-7-oxidanyl-7,8-dihydrobenzo[cd]indole-3-carboxylic acid'
3 non-polymer 'DIMETHYL SULFOXIDE'
4 water water
#
_entity_poly.entity_id   1
_entity_poly.type   'polypeptide(L)'
_entity_poly.pdbx_seq_one_letter_code
;MSRPLSDQEKRKQISVRGLAGVENVTELKKNFNRHLHFTLVKDRNVATPRDYYFALAHTVRDHLVGRWIRTQQHYYEKDP
KRIYYLSLEFYMGRTLQNTMVNLALENACDEATYQLGLDMEELEEIEEDAGLGNGGLGRLAACFLDSMATLGLAAYGYGI
RYEFGIFNQKI(CSO)GGWQMEEADDWLRYGNPWEKARPEFTLPVHFYGRVEHTSQGAKWVDTQVVLAMPYDTPVPGYRN
NVVNTMRLWSAKAPNDFNLKDFNVGGYIQAVLDRNLAENISRVLYPNDNFFEGKELRLKQEYFVVAATLQDIIRRFKSSK
FGCRDPVRTNFDAFPDKVAIQLNDTHPSLAIPELMRVLVDLERLDWDKAWEVTVKTCAYTNHTVLPEALERWPVHLLETL
LPRHLQIIYEINQRFLNRVAAAFPGDVDRLRRMSLVEEGAVKRINMAHLCIAGSHAVNGVARIHSEILKKTIFKDFYELE
PHKFQNKTNGITPRRWLVLCNPGLAEIIAERIGEEYISDLDQLRKLLSYVDDEAFIRDVAKVKQENKLKFAAYLEREYKV
HINPNSLFDVQVKRIHEYKRQLLNCLHVITLYNRIKKEPNKFVVPRTVMIGGKAAPGYHMAKMIIKLITAIGDVVNHDPV
VGDRLRVIFLENYRVSLAEKVIPAADLSEQISTAGTEASGTGNM(LLP)FMLNGALTIGTMDGANVEMAEEAGEENFFIF
GMRVEDVDRLDQRGYNAQEYYDRIPELRQIIEQLSSGFFSPKQPDLFKDIVNMLMHHDRFKVFADYEEYVK(CSO)QERV
SALYKNPREWTRMVIRNIATSGKFSSDRTIAQYAREIWGVEPSRQRLPAPDEKIP
;
_entity_poly.pdbx_strand_id   A
#
loop_
_chem_comp.id
_chem_comp.type
_chem_comp.name
_chem_comp.formula
A1IFQ non-polymer '(7~{S})-1-(4-hydroxyphenyl)-2-[(4-hydroxyphenyl)amino]-6,6-dimethyl-7-oxidanyl-7,8-dihydrobenzo[cd]indole-3-carboxylic acid' 'C26 H24 N2 O5'
DMS non-polymer 'DIMETHYL SULFOXIDE' 'C2 H6 O S'
#
# COMPACT_ATOMS: atom_id res chain seq x y z
N GLN A 13 4.97 11.07 -29.26
CA GLN A 13 6.33 11.19 -28.79
C GLN A 13 7.06 9.84 -28.75
N ILE A 14 6.74 9.01 -27.74
CA ILE A 14 7.30 7.67 -27.59
C ILE A 14 6.19 6.63 -27.83
N SER A 15 6.57 5.49 -28.41
CA SER A 15 5.58 4.57 -28.96
C SER A 15 4.72 3.92 -27.88
N VAL A 16 5.28 3.60 -26.70
CA VAL A 16 4.45 2.95 -25.67
C VAL A 16 3.28 3.83 -25.25
N ARG A 17 3.32 5.11 -25.57
CA ARG A 17 2.24 6.03 -25.22
C ARG A 17 1.12 6.11 -26.25
N GLY A 18 1.18 5.28 -27.29
CA GLY A 18 0.07 5.17 -28.23
C GLY A 18 0.12 6.13 -29.40
N LEU A 19 -0.99 6.13 -30.14
CA LEU A 19 -1.12 6.90 -31.37
C LEU A 19 -1.82 8.22 -31.09
N ALA A 20 -1.29 9.29 -31.69
CA ALA A 20 -1.99 10.58 -31.74
C ALA A 20 -2.70 10.70 -33.09
N GLY A 21 -3.75 9.88 -33.27
CA GLY A 21 -4.49 9.91 -34.50
C GLY A 21 -5.12 11.27 -34.76
N VAL A 22 -5.24 11.62 -36.04
CA VAL A 22 -5.64 12.98 -36.40
C VAL A 22 -7.07 13.27 -35.94
N GLU A 23 -8.00 12.33 -36.17
CA GLU A 23 -9.38 12.54 -35.75
CA GLU A 23 -9.38 12.56 -35.75
C GLU A 23 -9.50 12.48 -34.23
N ASN A 24 -8.77 11.56 -33.61
CA ASN A 24 -8.80 11.46 -32.15
C ASN A 24 -8.37 12.78 -31.51
N VAL A 25 -7.26 13.35 -31.97
CA VAL A 25 -6.80 14.63 -31.44
C VAL A 25 -7.86 15.70 -31.67
N THR A 26 -8.44 15.75 -32.87
CA THR A 26 -9.44 16.76 -33.18
C THR A 26 -10.65 16.63 -32.26
N GLU A 27 -11.11 15.40 -32.06
CA GLU A 27 -12.24 15.17 -31.16
C GLU A 27 -11.88 15.51 -29.72
N LEU A 28 -10.65 15.20 -29.29
CA LEU A 28 -10.24 15.50 -27.91
C LEU A 28 -10.27 17.01 -27.66
N LYS A 29 -9.73 17.79 -28.60
CA LYS A 29 -9.73 19.24 -28.44
C LYS A 29 -11.14 19.78 -28.35
N LYS A 30 -12.04 19.25 -29.19
CA LYS A 30 -13.42 19.71 -29.17
C LYS A 30 -14.06 19.38 -27.83
N ASN A 31 -13.80 18.19 -27.31
CA ASN A 31 -14.43 17.81 -26.06
C ASN A 31 -13.79 18.53 -24.89
N PHE A 32 -12.48 18.78 -24.94
CA PHE A 32 -11.82 19.66 -23.98
C PHE A 32 -12.53 21.01 -23.92
N ASN A 33 -12.69 21.65 -25.08
CA ASN A 33 -13.31 22.97 -25.14
C ASN A 33 -14.77 22.93 -24.73
N ARG A 34 -15.48 21.84 -25.04
CA ARG A 34 -16.85 21.75 -24.57
C ARG A 34 -16.90 21.71 -23.05
N HIS A 35 -16.06 20.89 -22.42
CA HIS A 35 -16.03 20.85 -20.96
C HIS A 35 -15.63 22.19 -20.38
N LEU A 36 -14.61 22.84 -20.94
CA LEU A 36 -14.21 24.14 -20.42
C LEU A 36 -15.40 25.09 -20.44
N HIS A 37 -16.19 25.07 -21.53
CA HIS A 37 -17.33 25.97 -21.68
C HIS A 37 -18.50 25.52 -20.81
N PHE A 38 -18.98 24.29 -21.02
CA PHE A 38 -20.22 23.87 -20.36
C PHE A 38 -19.99 23.33 -18.94
N THR A 39 -18.84 22.71 -18.68
CA THR A 39 -18.60 22.13 -17.36
C THR A 39 -17.90 23.11 -16.42
N LEU A 40 -16.84 23.75 -16.87
CA LEU A 40 -16.16 24.72 -16.02
C LEU A 40 -16.77 26.11 -16.11
N VAL A 41 -17.62 26.37 -17.11
CA VAL A 41 -18.23 27.69 -17.32
C VAL A 41 -17.15 28.75 -17.32
N LYS A 42 -16.16 28.55 -18.19
CA LYS A 42 -15.10 29.52 -18.41
C LYS A 42 -14.88 29.63 -19.91
N ASP A 43 -14.38 30.77 -20.37
CA ASP A 43 -13.72 30.75 -21.66
C ASP A 43 -12.24 31.02 -21.44
N ARG A 44 -11.45 30.84 -22.51
CA ARG A 44 -9.99 30.83 -22.36
C ARG A 44 -9.45 32.08 -21.70
N ASN A 45 -10.22 33.17 -21.70
CA ASN A 45 -9.75 34.43 -21.14
C ASN A 45 -9.42 34.31 -19.66
N VAL A 46 -10.25 33.60 -18.90
CA VAL A 46 -10.13 33.56 -17.45
C VAL A 46 -9.70 32.20 -16.93
N ALA A 47 -9.52 31.21 -17.80
CA ALA A 47 -9.30 29.84 -17.32
C ALA A 47 -7.94 29.67 -16.67
N THR A 48 -7.95 29.12 -15.45
CA THR A 48 -6.77 28.78 -14.68
C THR A 48 -6.21 27.42 -15.12
N PRO A 49 -4.95 27.11 -14.79
CA PRO A 49 -4.47 25.76 -15.11
C PRO A 49 -5.31 24.68 -14.46
N ARG A 50 -5.92 24.96 -13.31
CA ARG A 50 -6.79 23.95 -12.71
C ARG A 50 -8.04 23.72 -13.54
N ASP A 51 -8.63 24.80 -14.07
CA ASP A 51 -9.71 24.65 -15.04
C ASP A 51 -9.27 23.73 -16.18
N TYR A 52 -8.06 23.95 -16.70
CA TYR A 52 -7.57 23.12 -17.79
C TYR A 52 -7.42 21.68 -17.34
N TYR A 53 -6.83 21.44 -16.15
CA TYR A 53 -6.74 20.07 -15.68
C TYR A 53 -8.13 19.42 -15.62
N PHE A 54 -9.12 20.13 -15.08
CA PHE A 54 -10.44 19.53 -14.96
C PHE A 54 -11.10 19.31 -16.31
N ALA A 55 -10.84 20.20 -17.27
CA ALA A 55 -11.42 19.97 -18.59
C ALA A 55 -10.83 18.71 -19.22
N LEU A 56 -9.51 18.54 -19.09
CA LEU A 56 -8.89 17.32 -19.59
C LEU A 56 -9.38 16.09 -18.85
N ALA A 57 -9.50 16.17 -17.51
CA ALA A 57 -9.93 15.01 -16.73
C ALA A 57 -11.31 14.54 -17.15
N HIS A 58 -12.26 15.48 -17.32
CA HIS A 58 -13.60 15.13 -17.78
C HIS A 58 -13.55 14.53 -19.19
N THR A 59 -12.73 15.12 -20.07
CA THR A 59 -12.62 14.60 -21.42
C THR A 59 -12.14 13.16 -21.42
N VAL A 60 -11.13 12.86 -20.59
CA VAL A 60 -10.60 11.50 -20.51
C VAL A 60 -11.60 10.58 -19.86
N ARG A 61 -12.26 11.05 -18.79
CA ARG A 61 -13.23 10.20 -18.14
C ARG A 61 -14.37 9.83 -19.09
N ASP A 62 -14.76 10.75 -19.98
CA ASP A 62 -15.82 10.46 -20.95
C ASP A 62 -15.49 9.23 -21.79
N HIS A 63 -14.21 8.99 -22.06
CA HIS A 63 -13.78 7.85 -22.86
C HIS A 63 -13.89 6.52 -22.15
N LEU A 64 -14.11 6.51 -20.83
CA LEU A 64 -14.34 5.32 -20.02
C LEU A 64 -15.79 4.87 -20.01
N VAL A 65 -16.73 5.79 -20.24
CA VAL A 65 -18.10 5.58 -19.81
C VAL A 65 -18.76 4.42 -20.55
N GLY A 66 -18.59 4.38 -21.88
CA GLY A 66 -19.18 3.29 -22.65
C GLY A 66 -18.71 1.92 -22.17
N ARG A 67 -17.39 1.75 -22.03
CA ARG A 67 -16.87 0.45 -21.58
C ARG A 67 -17.28 0.15 -20.15
N TRP A 68 -17.33 1.18 -19.30
CA TRP A 68 -17.74 1.00 -17.92
C TRP A 68 -19.16 0.44 -17.87
N ILE A 69 -20.07 1.05 -18.63
CA ILE A 69 -21.45 0.56 -18.70
C ILE A 69 -21.48 -0.83 -19.30
N ARG A 70 -20.71 -1.06 -20.35
CA ARG A 70 -20.82 -2.36 -21.02
C ARG A 70 -20.13 -3.46 -20.23
N THR A 71 -19.01 -3.15 -19.55
CA THR A 71 -18.40 -4.14 -18.67
C THR A 71 -19.38 -4.62 -17.61
N GLN A 72 -20.03 -3.68 -16.91
CA GLN A 72 -20.93 -4.08 -15.83
C GLN A 72 -22.16 -4.78 -16.38
N GLN A 73 -22.64 -4.36 -17.55
CA GLN A 73 -23.72 -5.11 -18.20
C GLN A 73 -23.26 -6.51 -18.57
N HIS A 74 -22.03 -6.62 -19.07
CA HIS A 74 -21.49 -7.93 -19.44
C HIS A 74 -21.49 -8.88 -18.24
N TYR A 75 -21.09 -8.38 -17.06
CA TYR A 75 -21.10 -9.22 -15.87
C TYR A 75 -22.53 -9.60 -15.50
N TYR A 76 -23.48 -8.68 -15.68
CA TYR A 76 -24.87 -9.01 -15.39
C TYR A 76 -25.38 -10.11 -16.31
N GLU A 77 -24.95 -10.10 -17.57
CA GLU A 77 -25.47 -11.05 -18.56
C GLU A 77 -24.83 -12.42 -18.42
N LYS A 78 -23.52 -12.46 -18.16
CA LYS A 78 -22.79 -13.72 -18.10
C LYS A 78 -22.73 -14.33 -16.70
N ASP A 79 -23.09 -13.57 -15.67
CA ASP A 79 -23.08 -14.04 -14.29
C ASP A 79 -21.82 -14.80 -13.89
N PRO A 80 -20.64 -14.24 -14.08
CA PRO A 80 -19.44 -14.88 -13.55
C PRO A 80 -19.45 -14.75 -12.03
N LYS A 81 -18.62 -15.56 -11.39
CA LYS A 81 -18.37 -15.37 -9.98
C LYS A 81 -17.79 -13.96 -9.76
N ARG A 82 -18.30 -13.26 -8.77
CA ARG A 82 -17.85 -11.90 -8.51
C ARG A 82 -16.88 -11.87 -7.34
N ILE A 83 -15.81 -11.09 -7.49
CA ILE A 83 -14.76 -10.97 -6.49
C ILE A 83 -14.95 -9.64 -5.76
N TYR A 84 -15.10 -9.70 -4.45
CA TYR A 84 -15.24 -8.48 -3.65
C TYR A 84 -14.00 -8.30 -2.80
N TYR A 85 -13.20 -7.28 -3.13
CA TYR A 85 -11.96 -7.00 -2.41
C TYR A 85 -12.30 -5.94 -1.38
N LEU A 86 -12.47 -6.36 -0.13
CA LEU A 86 -12.88 -5.49 0.97
C LEU A 86 -11.65 -4.92 1.66
N SER A 87 -11.51 -3.60 1.68
CA SER A 87 -10.33 -3.03 2.29
C SER A 87 -10.71 -1.70 2.92
N LEU A 88 -10.09 -1.40 4.06
CA LEU A 88 -10.27 -0.09 4.66
C LEU A 88 -9.44 0.98 3.95
N GLU A 89 -8.61 0.57 2.99
CA GLU A 89 -7.66 1.48 2.35
C GLU A 89 -7.57 1.17 0.85
N PHE A 90 -7.65 2.22 0.03
CA PHE A 90 -7.32 2.12 -1.40
C PHE A 90 -6.38 3.28 -1.71
N TYR A 91 -5.08 2.98 -1.76
CA TYR A 91 -4.03 3.99 -1.90
C TYR A 91 -3.81 4.25 -3.39
N MET A 92 -4.75 5.00 -4.00
CA MET A 92 -4.90 5.04 -5.45
C MET A 92 -3.94 6.01 -6.13
N GLY A 93 -3.48 7.06 -5.45
CA GLY A 93 -2.70 8.05 -6.15
C GLY A 93 -3.60 8.83 -7.10
N ARG A 94 -2.99 9.44 -8.11
CA ARG A 94 -3.73 10.14 -9.16
C ARG A 94 -4.27 9.16 -10.20
N THR A 95 -5.23 9.66 -10.99
CA THR A 95 -6.00 8.84 -11.91
C THR A 95 -5.89 9.27 -13.38
N LEU A 96 -5.50 10.52 -13.66
CA LEU A 96 -5.54 11.02 -15.03
C LEU A 96 -4.54 10.28 -15.93
N GLN A 97 -3.27 10.22 -15.52
CA GLN A 97 -2.28 9.54 -16.34
C GLN A 97 -2.59 8.05 -16.44
N ASN A 98 -2.96 7.42 -15.31
CA ASN A 98 -3.29 6.00 -15.36
C ASN A 98 -4.39 5.71 -16.34
N THR A 99 -5.43 6.56 -16.36
CA THR A 99 -6.54 6.33 -17.27
C THR A 99 -6.09 6.45 -18.73
N MET A 100 -5.31 7.48 -19.04
CA MET A 100 -4.82 7.67 -20.40
C MET A 100 -3.94 6.50 -20.83
N VAL A 101 -3.02 6.07 -19.96
CA VAL A 101 -2.20 4.90 -20.25
C VAL A 101 -3.07 3.70 -20.59
N ASN A 102 -4.04 3.40 -19.73
CA ASN A 102 -4.79 2.17 -19.88
C ASN A 102 -5.80 2.23 -21.02
N LEU A 103 -6.12 3.43 -21.48
CA LEU A 103 -7.01 3.63 -22.62
C LEU A 103 -6.25 3.89 -23.91
N ALA A 104 -4.91 3.87 -23.87
CA ALA A 104 -4.05 4.17 -25.01
C ALA A 104 -4.27 5.59 -25.53
N LEU A 105 -4.55 6.53 -24.64
CA LEU A 105 -4.88 7.90 -25.01
C LEU A 105 -3.78 8.90 -24.72
N GLU A 106 -2.63 8.45 -24.22
CA GLU A 106 -1.69 9.40 -23.62
C GLU A 106 -1.06 10.32 -24.68
N ASN A 107 -0.57 9.76 -25.79
CA ASN A 107 0.01 10.64 -26.82
C ASN A 107 -1.04 11.52 -27.46
N ALA A 108 -2.26 11.01 -27.63
CA ALA A 108 -3.32 11.79 -28.25
C ALA A 108 -3.69 13.00 -27.39
N CYS A 109 -3.85 12.80 -26.08
CA CYS A 109 -4.14 13.93 -25.21
C CYS A 109 -2.95 14.87 -25.11
N ASP A 110 -1.74 14.31 -25.09
CA ASP A 110 -0.55 15.14 -25.08
C ASP A 110 -0.51 16.06 -26.29
N GLU A 111 -0.80 15.51 -27.48
CA GLU A 111 -0.82 16.31 -28.71
C GLU A 111 -1.99 17.28 -28.71
N ALA A 112 -3.17 16.82 -28.29
CA ALA A 112 -4.35 17.69 -28.27
C ALA A 112 -4.11 18.89 -27.36
N THR A 113 -3.61 18.65 -26.14
CA THR A 113 -3.37 19.76 -25.23
C THR A 113 -2.23 20.65 -25.74
N TYR A 114 -1.21 20.04 -26.36
CA TYR A 114 -0.13 20.84 -26.94
C TYR A 114 -0.66 21.80 -27.99
N GLN A 115 -1.54 21.31 -28.88
CA GLN A 115 -2.13 22.16 -29.91
C GLN A 115 -3.01 23.25 -29.31
N LEU A 116 -3.55 23.03 -28.10
CA LEU A 116 -4.26 24.07 -27.39
C LEU A 116 -3.33 24.98 -26.60
N GLY A 117 -2.02 24.80 -26.70
CA GLY A 117 -1.08 25.63 -25.97
C GLY A 117 -0.85 25.23 -24.54
N LEU A 118 -1.11 23.97 -24.19
CA LEU A 118 -1.04 23.52 -22.81
C LEU A 118 -0.03 22.38 -22.68
N ASP A 119 0.68 22.37 -21.56
CA ASP A 119 1.61 21.29 -21.22
C ASP A 119 0.84 20.31 -20.34
N MET A 120 0.56 19.14 -20.89
CA MET A 120 -0.25 18.16 -20.17
C MET A 120 0.41 17.69 -18.87
N GLU A 121 1.75 17.62 -18.83
CA GLU A 121 2.40 17.22 -17.58
C GLU A 121 2.20 18.25 -16.49
N GLU A 122 2.17 19.53 -16.86
CA GLU A 122 1.85 20.57 -15.90
C GLU A 122 0.43 20.40 -15.36
N LEU A 123 -0.52 20.09 -16.25
CA LEU A 123 -1.89 19.83 -15.81
C LEU A 123 -1.96 18.64 -14.87
N GLU A 124 -1.18 17.59 -15.15
CA GLU A 124 -1.22 16.40 -14.31
C GLU A 124 -0.83 16.72 -12.87
N GLU A 125 0.09 17.66 -12.68
CA GLU A 125 0.54 18.00 -11.32
C GLU A 125 -0.56 18.67 -10.50
N ILE A 126 -1.68 19.04 -11.12
CA ILE A 126 -2.75 19.69 -10.37
C ILE A 126 -3.66 18.69 -9.67
N GLU A 127 -3.65 17.44 -10.10
CA GLU A 127 -4.54 16.45 -9.52
C GLU A 127 -4.10 16.08 -8.11
N GLU A 128 -5.06 16.03 -7.19
CA GLU A 128 -4.78 15.54 -5.84
C GLU A 128 -4.70 14.02 -5.85
N ASP A 129 -3.68 13.47 -5.18
CA ASP A 129 -3.70 12.05 -4.86
C ASP A 129 -5.01 11.67 -4.17
N ALA A 130 -5.59 10.55 -4.59
CA ALA A 130 -6.55 9.85 -3.74
C ALA A 130 -5.71 9.07 -2.73
N GLY A 131 -5.35 9.73 -1.63
CA GLY A 131 -4.46 9.14 -0.66
C GLY A 131 -5.20 8.35 0.40
N LEU A 132 -6.02 7.38 -0.03
CA LEU A 132 -6.88 6.68 0.91
C LEU A 132 -6.21 5.46 1.51
N GLY A 133 -4.92 5.54 1.80
CA GLY A 133 -4.27 4.44 2.48
C GLY A 133 -3.04 4.94 3.20
N ASN A 134 -2.44 4.05 3.97
CA ASN A 134 -1.27 4.40 4.77
C ASN A 134 0.04 4.04 4.10
N GLY A 135 0.08 2.89 3.43
CA GLY A 135 1.34 2.36 2.93
C GLY A 135 1.13 1.09 2.11
N GLY A 136 1.84 0.02 2.48
CA GLY A 136 1.91 -1.15 1.61
C GLY A 136 0.56 -1.82 1.39
N LEU A 137 -0.18 -2.03 2.48
CA LEU A 137 -1.47 -2.72 2.42
C LEU A 137 -2.47 -1.97 1.53
N GLY A 138 -2.56 -0.66 1.70
CA GLY A 138 -3.49 0.11 0.88
C GLY A 138 -3.07 0.23 -0.56
N ARG A 139 -1.76 0.35 -0.81
CA ARG A 139 -1.26 0.39 -2.19
C ARG A 139 -1.41 -0.96 -2.86
N LEU A 140 -1.23 -2.04 -2.10
CA LEU A 140 -1.53 -3.36 -2.65
C LEU A 140 -2.96 -3.43 -3.17
N ALA A 141 -3.91 -2.92 -2.38
CA ALA A 141 -5.30 -2.90 -2.82
C ALA A 141 -5.43 -2.16 -4.16
N ALA A 142 -4.75 -1.02 -4.29
CA ALA A 142 -4.83 -0.25 -5.53
C ALA A 142 -4.24 -1.02 -6.72
N CYS A 143 -3.03 -1.59 -6.54
CA CYS A 143 -2.45 -2.40 -7.60
C CYS A 143 -3.34 -3.57 -7.98
N PHE A 144 -3.97 -4.18 -6.96
CA PHE A 144 -4.84 -5.33 -7.19
C PHE A 144 -6.04 -4.96 -8.04
N LEU A 145 -6.66 -3.81 -7.76
CA LEU A 145 -7.79 -3.39 -8.60
C LEU A 145 -7.35 -3.30 -10.06
N ASP A 146 -6.21 -2.66 -10.31
CA ASP A 146 -5.69 -2.52 -11.67
C ASP A 146 -5.47 -3.89 -12.30
N SER A 147 -4.86 -4.82 -11.57
CA SER A 147 -4.54 -6.12 -12.16
C SER A 147 -5.79 -6.95 -12.39
N MET A 148 -6.75 -6.89 -11.46
CA MET A 148 -7.97 -7.66 -11.64
C MET A 148 -8.76 -7.17 -12.84
N ALA A 149 -8.72 -5.88 -13.13
CA ALA A 149 -9.38 -5.39 -14.35
C ALA A 149 -8.59 -5.82 -15.58
N THR A 150 -7.26 -5.74 -15.51
CA THR A 150 -6.44 -6.16 -16.64
C THR A 150 -6.57 -7.66 -16.90
N LEU A 151 -6.91 -8.44 -15.87
CA LEU A 151 -7.10 -9.87 -16.01
C LEU A 151 -8.56 -10.25 -16.22
N GLY A 152 -9.44 -9.26 -16.47
CA GLY A 152 -10.80 -9.58 -16.88
C GLY A 152 -11.66 -10.19 -15.81
N LEU A 153 -11.31 -10.00 -14.54
CA LEU A 153 -12.12 -10.56 -13.45
C LEU A 153 -13.29 -9.63 -13.11
N ALA A 154 -14.42 -10.24 -12.76
CA ALA A 154 -15.60 -9.46 -12.37
C ALA A 154 -15.40 -9.05 -10.91
N ALA A 155 -14.59 -8.02 -10.72
CA ALA A 155 -14.05 -7.69 -9.41
C ALA A 155 -14.45 -6.28 -8.99
N TYR A 156 -14.73 -6.13 -7.70
CA TYR A 156 -15.17 -4.86 -7.13
C TYR A 156 -14.30 -4.57 -5.92
N GLY A 157 -13.73 -3.36 -5.88
CA GLY A 157 -13.10 -2.87 -4.67
C GLY A 157 -14.14 -2.15 -3.84
N TYR A 158 -14.22 -2.51 -2.56
CA TYR A 158 -15.19 -1.91 -1.65
C TYR A 158 -14.44 -1.33 -0.47
N GLY A 159 -14.66 -0.04 -0.21
CA GLY A 159 -13.98 0.67 0.84
C GLY A 159 -14.75 1.87 1.35
N ILE A 160 -14.04 2.80 1.99
CA ILE A 160 -14.63 4.02 2.54
C ILE A 160 -14.11 5.19 1.75
N ARG A 161 -15.02 6.09 1.39
CA ARG A 161 -14.63 7.36 0.79
C ARG A 161 -14.34 8.33 1.93
N TYR A 162 -13.09 8.30 2.41
CA TYR A 162 -12.69 9.22 3.46
C TYR A 162 -12.70 10.64 2.92
N GLU A 163 -13.29 11.57 3.68
CA GLU A 163 -13.20 12.96 3.28
C GLU A 163 -11.76 13.44 3.32
N PHE A 164 -10.98 12.93 4.26
CA PHE A 164 -9.57 13.29 4.39
C PHE A 164 -8.74 12.01 4.39
N GLY A 165 -7.83 11.89 3.42
CA GLY A 165 -6.95 10.73 3.33
C GLY A 165 -5.83 10.83 4.33
N ILE A 166 -4.70 10.17 4.01
CA ILE A 166 -3.54 10.25 4.88
C ILE A 166 -3.07 11.71 4.93
N PHE A 167 -2.76 12.19 6.14
CA PHE A 167 -2.45 13.60 6.34
C PHE A 167 -1.34 14.06 5.40
N ASN A 168 -1.43 15.31 4.98
CA ASN A 168 -0.30 15.94 4.29
C ASN A 168 0.78 16.31 5.30
N GLN A 169 2.00 15.85 5.03
CA GLN A 169 3.11 16.06 5.93
C GLN A 169 3.88 17.31 5.53
N LYS A 170 4.06 18.22 6.47
CA LYS A 170 4.96 19.35 6.31
C LYS A 170 6.12 19.17 7.29
N ILE A 171 7.31 19.54 6.85
CA ILE A 171 8.46 19.54 7.75
C ILE A 171 8.71 20.98 8.19
N CSO A 172 8.60 21.23 9.49
CA CSO A 172 8.76 22.60 10.00
CB CSO A 172 7.41 23.18 10.42
SG CSO A 172 6.40 23.70 9.00
C CSO A 172 9.75 22.59 11.16
O CSO A 172 9.52 21.93 12.18
OD CSO A 172 4.85 23.90 9.59
N GLY A 173 10.87 23.28 10.99
CA GLY A 173 11.93 23.23 11.97
C GLY A 173 12.52 21.83 12.05
N GLY A 174 12.50 21.11 10.93
CA GLY A 174 12.95 19.73 10.89
C GLY A 174 11.98 18.72 11.48
N TRP A 175 10.79 19.13 11.89
CA TRP A 175 9.81 18.25 12.53
C TRP A 175 8.64 17.99 11.59
N GLN A 176 8.03 16.81 11.72
CA GLN A 176 6.81 16.56 10.99
C GLN A 176 5.67 17.39 11.59
N MET A 177 4.91 18.06 10.73
CA MET A 177 3.62 18.63 11.09
C MET A 177 2.55 18.00 10.20
N GLU A 178 1.39 17.72 10.76
CA GLU A 178 0.30 17.09 10.03
C GLU A 178 -0.73 18.12 9.64
N GLU A 179 -1.18 18.09 8.39
CA GLU A 179 -2.30 18.90 7.95
C GLU A 179 -3.35 18.02 7.27
N ALA A 180 -4.61 18.45 7.34
CA ALA A 180 -5.70 17.69 6.75
C ALA A 180 -5.49 17.55 5.25
N ASP A 181 -5.67 16.33 4.76
CA ASP A 181 -5.50 16.04 3.34
C ASP A 181 -6.85 16.25 2.69
N ASP A 182 -7.12 17.49 2.30
CA ASP A 182 -8.42 17.90 1.80
C ASP A 182 -8.50 17.64 0.29
N TRP A 183 -8.44 16.34 -0.06
CA TRP A 183 -8.28 15.94 -1.45
C TRP A 183 -9.54 16.20 -2.29
N LEU A 184 -10.68 16.39 -1.66
CA LEU A 184 -11.91 16.67 -2.41
C LEU A 184 -12.24 18.16 -2.52
N ARG A 185 -11.31 19.03 -2.15
CA ARG A 185 -11.60 20.47 -2.09
C ARG A 185 -12.17 20.97 -3.41
N TYR A 186 -11.53 20.62 -4.52
CA TYR A 186 -11.95 21.08 -5.83
C TYR A 186 -12.81 20.06 -6.56
N GLY A 187 -13.27 19.03 -5.87
CA GLY A 187 -14.07 17.99 -6.48
C GLY A 187 -13.22 16.82 -6.95
N ASN A 188 -13.91 15.78 -7.40
CA ASN A 188 -13.27 14.56 -7.88
C ASN A 188 -13.95 14.25 -9.21
N PRO A 189 -13.27 14.47 -10.34
CA PRO A 189 -13.91 14.23 -11.64
C PRO A 189 -14.06 12.76 -11.99
N TRP A 190 -13.46 11.87 -11.21
CA TRP A 190 -13.42 10.46 -11.55
C TRP A 190 -14.62 9.71 -11.01
N GLU A 191 -15.03 10.02 -9.78
CA GLU A 191 -16.07 9.28 -9.09
C GLU A 191 -17.46 9.63 -9.65
N LYS A 192 -18.40 8.69 -9.45
CA LYS A 192 -19.81 8.97 -9.72
C LYS A 192 -20.61 8.63 -8.46
N ALA A 193 -21.09 9.69 -7.78
CA ALA A 193 -21.98 9.50 -6.65
C ALA A 193 -23.21 8.71 -7.08
N ARG A 194 -23.61 7.75 -6.25
CA ARG A 194 -24.80 6.94 -6.49
CA ARG A 194 -24.81 6.94 -6.50
C ARG A 194 -25.76 7.06 -5.32
N PRO A 195 -26.18 8.29 -4.97
CA PRO A 195 -27.06 8.46 -3.80
C PRO A 195 -28.34 7.64 -3.87
N GLU A 196 -28.73 7.17 -5.07
CA GLU A 196 -29.91 6.32 -5.18
C GLU A 196 -29.68 4.93 -4.65
N PHE A 197 -28.42 4.49 -4.52
CA PHE A 197 -28.08 3.19 -3.97
C PHE A 197 -27.72 3.25 -2.48
N THR A 198 -28.20 4.26 -1.76
CA THR A 198 -27.82 4.43 -0.36
C THR A 198 -28.46 3.35 0.51
N LEU A 199 -27.71 2.91 1.53
CA LEU A 199 -28.12 1.80 2.38
C LEU A 199 -27.97 2.15 3.84
N PRO A 200 -28.85 1.61 4.69
CA PRO A 200 -28.71 1.83 6.13
C PRO A 200 -27.74 0.85 6.78
N VAL A 201 -26.92 1.40 7.67
CA VAL A 201 -26.04 0.65 8.55
C VAL A 201 -26.49 0.92 9.98
N HIS A 202 -26.50 -0.12 10.82
CA HIS A 202 -27.03 -0.04 12.17
C HIS A 202 -25.91 -0.11 13.20
N PHE A 203 -26.10 0.59 14.32
CA PHE A 203 -25.15 0.60 15.43
C PHE A 203 -25.90 0.56 16.75
N TYR A 204 -25.23 0.05 17.78
CA TYR A 204 -25.75 0.00 19.15
C TYR A 204 -27.00 -0.86 19.19
N GLY A 205 -28.04 -0.41 19.92
CA GLY A 205 -29.24 -1.23 19.98
C GLY A 205 -29.07 -2.42 20.91
N ARG A 206 -29.88 -3.44 20.69
CA ARG A 206 -29.90 -4.62 21.54
C ARG A 206 -30.56 -5.77 20.78
N VAL A 207 -30.41 -6.98 21.31
CA VAL A 207 -30.92 -8.18 20.66
C VAL A 207 -32.17 -8.67 21.38
N GLU A 208 -33.24 -8.88 20.62
CA GLU A 208 -34.42 -9.61 21.06
C GLU A 208 -34.43 -10.98 20.42
N HIS A 209 -34.76 -12.00 21.20
CA HIS A 209 -34.98 -13.34 20.69
C HIS A 209 -36.48 -13.62 20.71
N THR A 210 -37.09 -13.68 19.53
CA THR A 210 -38.50 -13.94 19.35
C THR A 210 -38.71 -15.39 18.89
N SER A 211 -39.93 -15.69 18.43
CA SER A 211 -40.19 -17.01 17.85
C SER A 211 -39.50 -17.15 16.49
N GLN A 212 -39.51 -16.08 15.70
CA GLN A 212 -38.80 -16.08 14.42
C GLN A 212 -37.31 -16.37 14.59
N GLY A 213 -36.73 -15.91 15.69
CA GLY A 213 -35.30 -15.99 15.90
C GLY A 213 -34.79 -14.74 16.59
N ALA A 214 -33.51 -14.41 16.42
CA ALA A 214 -33.00 -13.19 17.02
C ALA A 214 -33.35 -11.98 16.16
N LYS A 215 -33.46 -10.83 16.82
CA LYS A 215 -33.81 -9.58 16.16
C LYS A 215 -32.96 -8.47 16.73
N TRP A 216 -32.32 -7.71 15.87
CA TRP A 216 -31.47 -6.59 16.29
C TRP A 216 -32.32 -5.33 16.20
N VAL A 217 -32.62 -4.72 17.35
CA VAL A 217 -33.61 -3.67 17.45
C VAL A 217 -33.01 -2.46 18.17
N ASP A 218 -33.73 -1.35 18.09
CA ASP A 218 -33.39 -0.11 18.78
C ASP A 218 -32.04 0.44 18.36
N THR A 219 -31.64 0.19 17.10
CA THR A 219 -30.34 0.63 16.64
C THR A 219 -30.38 2.11 16.27
N GLN A 220 -29.20 2.72 16.20
CA GLN A 220 -29.04 3.99 15.53
C GLN A 220 -28.58 3.72 14.11
N VAL A 221 -29.18 4.43 13.15
CA VAL A 221 -28.90 4.22 11.72
C VAL A 221 -27.91 5.27 11.23
N VAL A 222 -26.90 4.83 10.49
CA VAL A 222 -26.10 5.68 9.62
C VAL A 222 -26.29 5.20 8.17
N LEU A 223 -26.59 6.12 7.27
CA LEU A 223 -26.68 5.78 5.85
C LEU A 223 -25.29 5.69 5.24
N ALA A 224 -25.14 4.75 4.31
CA ALA A 224 -23.92 4.58 3.53
C ALA A 224 -24.22 4.92 2.08
N MET A 225 -23.63 6.01 1.59
CA MET A 225 -23.85 6.44 0.22
C MET A 225 -22.68 5.99 -0.64
N PRO A 226 -22.90 5.21 -1.69
CA PRO A 226 -21.77 4.74 -2.51
C PRO A 226 -21.36 5.75 -3.57
N TYR A 227 -20.06 5.85 -3.77
CA TYR A 227 -19.43 6.58 -4.87
C TYR A 227 -18.63 5.57 -5.69
N ASP A 228 -18.92 5.49 -6.99
CA ASP A 228 -18.27 4.54 -7.89
C ASP A 228 -17.19 5.24 -8.70
N THR A 229 -16.00 4.66 -8.70
CA THR A 229 -14.88 5.12 -9.49
C THR A 229 -14.48 4.05 -10.49
N PRO A 230 -14.21 4.42 -11.74
CA PRO A 230 -13.86 3.41 -12.74
C PRO A 230 -12.42 2.91 -12.58
N VAL A 231 -12.24 1.65 -12.91
CA VAL A 231 -10.96 0.95 -12.80
C VAL A 231 -10.65 0.34 -14.16
N PRO A 232 -9.93 1.04 -15.05
CA PRO A 232 -9.70 0.51 -16.40
C PRO A 232 -8.62 -0.56 -16.41
N GLY A 233 -8.92 -1.70 -17.05
CA GLY A 233 -7.87 -2.65 -17.39
C GLY A 233 -6.95 -2.10 -18.46
N TYR A 234 -5.80 -2.74 -18.65
CA TYR A 234 -4.84 -2.25 -19.64
C TYR A 234 -5.30 -2.63 -21.03
N ARG A 235 -5.87 -1.64 -21.74
CA ARG A 235 -6.19 -1.76 -23.16
C ARG A 235 -6.94 -3.04 -23.51
N ASN A 236 -7.81 -3.49 -22.60
CA ASN A 236 -8.65 -4.65 -22.87
C ASN A 236 -10.13 -4.30 -22.86
N ASN A 237 -10.48 -3.01 -22.84
CA ASN A 237 -11.85 -2.50 -22.82
C ASN A 237 -12.62 -2.91 -21.57
N VAL A 238 -11.93 -3.36 -20.54
CA VAL A 238 -12.59 -3.68 -19.28
C VAL A 238 -12.49 -2.46 -18.37
N VAL A 239 -13.62 -2.08 -17.77
CA VAL A 239 -13.65 -1.03 -16.75
C VAL A 239 -14.45 -1.57 -15.57
N ASN A 240 -13.76 -1.90 -14.48
CA ASN A 240 -14.38 -2.36 -13.26
C ASN A 240 -14.67 -1.17 -12.34
N THR A 241 -15.16 -1.46 -11.14
CA THR A 241 -15.65 -0.43 -10.23
C THR A 241 -14.96 -0.51 -8.88
N MET A 242 -14.55 0.65 -8.37
CA MET A 242 -14.24 0.80 -6.96
C MET A 242 -15.40 1.55 -6.33
N ARG A 243 -16.07 0.92 -5.35
CA ARG A 243 -17.22 1.51 -4.68
C ARG A 243 -16.80 1.91 -3.28
N LEU A 244 -16.81 3.21 -3.00
CA LEU A 244 -16.41 3.75 -1.72
C LEU A 244 -17.64 4.34 -1.03
N TRP A 245 -17.87 3.95 0.23
CA TRP A 245 -19.06 4.36 0.97
C TRP A 245 -18.78 5.65 1.74
N SER A 246 -19.76 6.56 1.73
CA SER A 246 -19.70 7.82 2.46
C SER A 246 -20.80 7.84 3.51
N ALA A 247 -20.47 8.28 4.72
CA ALA A 247 -21.45 8.26 5.80
C ALA A 247 -22.40 9.44 5.70
N LYS A 248 -23.69 9.18 5.89
CA LYS A 248 -24.70 10.22 5.81
C LYS A 248 -25.73 10.02 6.90
N ALA A 249 -26.15 11.11 7.52
CA ALA A 249 -27.12 11.01 8.59
C ALA A 249 -28.47 10.64 8.02
N PRO A 250 -29.26 9.85 8.75
CA PRO A 250 -30.56 9.43 8.23
C PRO A 250 -31.52 10.61 8.15
N ASN A 251 -32.59 10.43 7.37
CA ASN A 251 -33.41 11.59 7.02
C ASN A 251 -34.20 12.11 8.22
N ASP A 252 -34.59 11.24 9.15
CA ASP A 252 -35.39 11.68 10.30
C ASP A 252 -34.57 11.69 11.59
N GLY A 262 -31.86 21.97 20.95
CA GLY A 262 -33.06 22.10 20.14
C GLY A 262 -32.85 21.76 18.67
N TYR A 263 -33.65 22.42 17.82
CA TYR A 263 -33.63 22.12 16.39
C TYR A 263 -32.26 22.34 15.77
N ILE A 264 -31.62 23.47 16.07
CA ILE A 264 -30.35 23.78 15.43
C ILE A 264 -29.29 22.75 15.81
N GLN A 265 -29.18 22.43 17.10
CA GLN A 265 -28.17 21.47 17.53
C GLN A 265 -28.42 20.10 16.93
N ALA A 266 -29.70 19.72 16.77
CA ALA A 266 -30.01 18.44 16.15
C ALA A 266 -29.49 18.40 14.71
N VAL A 267 -29.64 19.50 13.97
CA VAL A 267 -29.10 19.55 12.62
C VAL A 267 -27.58 19.48 12.66
N LEU A 268 -26.96 20.24 13.56
CA LEU A 268 -25.50 20.22 13.65
C LEU A 268 -25.01 18.83 14.06
N ASP A 269 -25.72 18.16 14.97
CA ASP A 269 -25.34 16.84 15.42
C ASP A 269 -25.40 15.77 14.33
N ARG A 270 -25.98 16.05 13.15
CA ARG A 270 -25.79 15.13 12.04
C ARG A 270 -24.32 14.89 11.72
N ASN A 271 -23.44 15.82 12.12
CA ASN A 271 -22.01 15.64 11.87
C ASN A 271 -21.47 14.40 12.57
N LEU A 272 -22.05 14.01 13.69
CA LEU A 272 -21.48 12.91 14.47
C LEU A 272 -21.53 11.60 13.67
N ALA A 273 -22.69 11.29 13.08
CA ALA A 273 -22.77 10.09 12.24
C ALA A 273 -21.90 10.23 10.99
N GLU A 274 -21.83 11.43 10.42
CA GLU A 274 -21.08 11.62 9.18
C GLU A 274 -19.58 11.62 9.44
N ASN A 275 -19.15 11.82 10.69
CA ASN A 275 -17.73 11.66 11.03
C ASN A 275 -17.22 10.25 10.78
N ILE A 276 -18.11 9.27 10.60
CA ILE A 276 -17.65 7.91 10.40
C ILE A 276 -16.74 7.82 9.18
N SER A 277 -17.08 8.53 8.10
CA SER A 277 -16.22 8.50 6.92
C SER A 277 -15.33 9.73 6.80
N ARG A 278 -15.05 10.43 7.91
CA ARG A 278 -14.38 11.71 7.81
C ARG A 278 -12.90 11.56 7.47
N VAL A 279 -12.19 10.65 8.13
CA VAL A 279 -10.74 10.69 7.98
C VAL A 279 -10.14 9.30 8.17
N LEU A 280 -9.14 9.00 7.36
CA LEU A 280 -8.39 7.75 7.47
C LEU A 280 -7.57 7.73 8.74
N TYR A 281 -7.65 6.64 9.50
CA TYR A 281 -6.77 6.46 10.65
C TYR A 281 -5.34 6.31 10.18
N PRO A 282 -4.42 7.13 10.65
CA PRO A 282 -3.07 7.18 10.06
C PRO A 282 -2.09 6.24 10.74
N ASN A 283 -2.59 5.27 11.50
CA ASN A 283 -1.75 4.25 12.12
C ASN A 283 -1.36 3.24 11.05
N ASP A 284 -0.08 3.18 10.74
CA ASP A 284 0.35 2.22 9.74
C ASP A 284 0.29 0.83 10.35
N ASN A 285 1.32 0.42 11.07
CA ASN A 285 1.37 -0.91 11.68
C ASN A 285 1.10 -0.87 13.18
N PHE A 286 -0.08 -0.42 13.60
CA PHE A 286 -0.34 -0.31 15.04
C PHE A 286 -1.85 -0.26 15.30
N PHE A 287 -2.31 -1.13 16.21
CA PHE A 287 -3.73 -1.18 16.59
C PHE A 287 -3.96 -0.30 17.81
N GLU A 288 -4.81 0.70 17.65
CA GLU A 288 -5.40 1.38 18.79
C GLU A 288 -6.91 1.19 18.69
N GLY A 289 -7.49 0.63 19.74
CA GLY A 289 -8.90 0.26 19.69
C GLY A 289 -9.82 1.45 19.82
N LYS A 290 -9.75 2.39 18.89
CA LYS A 290 -10.67 3.52 18.88
C LYS A 290 -12.04 3.08 18.40
N GLU A 291 -13.08 3.44 19.15
CA GLU A 291 -14.45 3.10 18.76
C GLU A 291 -14.77 3.59 17.35
N LEU A 292 -14.32 4.80 17.00
CA LEU A 292 -14.65 5.35 15.69
C LEU A 292 -14.08 4.48 14.58
N ARG A 293 -12.90 3.90 14.80
CA ARG A 293 -12.32 2.99 13.83
C ARG A 293 -13.14 1.71 13.72
N LEU A 294 -13.59 1.17 14.86
CA LEU A 294 -14.50 0.03 14.81
C LEU A 294 -15.76 0.37 14.02
N LYS A 295 -16.30 1.58 14.21
CA LYS A 295 -17.48 1.98 13.43
C LYS A 295 -17.19 2.00 11.95
N GLN A 296 -16.04 2.55 11.53
CA GLN A 296 -15.65 2.55 10.13
C GLN A 296 -15.60 1.14 9.57
N GLU A 297 -15.01 0.22 10.33
CA GLU A 297 -14.87 -1.15 9.88
C GLU A 297 -16.22 -1.81 9.69
N TYR A 298 -17.15 -1.61 10.63
CA TYR A 298 -18.47 -2.21 10.45
C TYR A 298 -19.24 -1.52 9.32
N PHE A 299 -19.07 -0.20 9.20
CA PHE A 299 -19.71 0.59 8.14
C PHE A 299 -19.43 -0.01 6.76
N VAL A 300 -18.15 -0.20 6.41
CA VAL A 300 -17.80 -0.79 5.12
C VAL A 300 -18.40 -2.17 4.98
N VAL A 301 -18.24 -2.97 6.02
CA VAL A 301 -18.68 -4.36 6.00
C VAL A 301 -20.19 -4.43 5.77
N ALA A 302 -20.96 -3.72 6.59
CA ALA A 302 -22.42 -3.83 6.52
C ALA A 302 -22.95 -3.36 5.17
N ALA A 303 -22.53 -2.19 4.71
CA ALA A 303 -23.04 -1.72 3.42
C ALA A 303 -22.60 -2.61 2.28
N THR A 304 -21.32 -3.02 2.27
CA THR A 304 -20.82 -3.87 1.19
C THR A 304 -21.58 -5.18 1.10
N LEU A 305 -21.81 -5.85 2.24
CA LEU A 305 -22.47 -7.15 2.19
C LEU A 305 -23.92 -7.04 1.75
N GLN A 306 -24.58 -5.92 2.07
CA GLN A 306 -25.91 -5.67 1.52
C GLN A 306 -25.85 -5.62 -0.01
N ASP A 307 -24.86 -4.90 -0.55
CA ASP A 307 -24.66 -4.85 -1.99
C ASP A 307 -24.46 -6.25 -2.55
N ILE A 308 -23.57 -7.00 -1.93
CA ILE A 308 -23.23 -8.34 -2.42
C ILE A 308 -24.49 -9.22 -2.46
N ILE A 309 -25.30 -9.15 -1.42
CA ILE A 309 -26.47 -10.01 -1.35
C ILE A 309 -27.52 -9.58 -2.37
N ARG A 310 -27.73 -8.26 -2.51
CA ARG A 310 -28.66 -7.77 -3.51
C ARG A 310 -28.26 -8.23 -4.91
N ARG A 311 -26.98 -8.05 -5.25
CA ARG A 311 -26.48 -8.46 -6.56
C ARG A 311 -26.60 -9.96 -6.74
N PHE A 312 -26.37 -10.72 -5.67
CA PHE A 312 -26.54 -12.17 -5.74
C PHE A 312 -27.99 -12.54 -6.03
N LYS A 313 -28.95 -11.90 -5.36
CA LYS A 313 -30.35 -12.25 -5.58
C LYS A 313 -30.85 -11.83 -6.94
N SER A 314 -30.24 -10.82 -7.56
CA SER A 314 -30.58 -10.37 -8.91
C SER A 314 -29.87 -11.18 -9.99
N SER A 315 -29.57 -12.45 -9.72
CA SER A 315 -28.84 -13.29 -10.69
C SER A 315 -29.73 -13.78 -11.82
N ASN A 326 -32.42 -19.17 -1.98
CA ASN A 326 -31.51 -20.23 -1.57
C ASN A 326 -30.05 -19.81 -1.77
N PHE A 327 -29.20 -20.17 -0.81
CA PHE A 327 -27.84 -19.66 -0.75
C PHE A 327 -26.78 -20.74 -0.93
N ASP A 328 -27.17 -21.94 -1.38
CA ASP A 328 -26.19 -22.96 -1.72
C ASP A 328 -25.16 -22.45 -2.72
N ALA A 329 -25.63 -21.68 -3.70
CA ALA A 329 -24.78 -21.20 -4.79
C ALA A 329 -24.00 -19.96 -4.43
N PHE A 330 -24.27 -19.37 -3.25
CA PHE A 330 -23.62 -18.12 -2.88
C PHE A 330 -22.10 -18.18 -2.98
N PRO A 331 -21.41 -19.17 -2.40
CA PRO A 331 -19.95 -19.25 -2.60
C PRO A 331 -19.55 -19.53 -4.04
N ASP A 332 -20.45 -20.05 -4.88
CA ASP A 332 -20.11 -20.20 -6.29
C ASP A 332 -20.16 -18.86 -7.01
N LYS A 333 -20.85 -17.88 -6.45
CA LYS A 333 -21.06 -16.58 -7.09
C LYS A 333 -20.37 -15.43 -6.39
N VAL A 334 -19.85 -15.65 -5.18
CA VAL A 334 -19.27 -14.59 -4.37
C VAL A 334 -17.97 -15.08 -3.76
N ALA A 335 -16.90 -14.32 -3.98
CA ALA A 335 -15.70 -14.37 -3.14
C ALA A 335 -15.57 -13.03 -2.41
N ILE A 336 -15.34 -13.09 -1.10
CA ILE A 336 -15.04 -11.92 -0.29
C ILE A 336 -13.60 -12.05 0.20
N GLN A 337 -12.73 -11.12 -0.19
CA GLN A 337 -11.34 -11.16 0.22
C GLN A 337 -11.13 -10.10 1.29
N LEU A 338 -10.69 -10.52 2.47
CA LEU A 338 -10.49 -9.60 3.59
C LEU A 338 -9.05 -9.13 3.56
N ASN A 339 -8.84 -7.84 3.29
CA ASN A 339 -7.51 -7.23 3.28
C ASN A 339 -7.13 -6.93 4.73
N ASP A 340 -6.38 -7.83 5.34
CA ASP A 340 -6.10 -7.82 6.79
C ASP A 340 -7.38 -8.05 7.57
N THR A 341 -7.32 -7.93 8.90
CA THR A 341 -8.48 -8.14 9.76
C THR A 341 -9.41 -6.93 9.78
N HIS A 342 -9.06 -5.85 9.10
CA HIS A 342 -9.88 -4.64 9.19
C HIS A 342 -11.34 -4.86 8.81
N PRO A 343 -11.67 -5.63 7.76
CA PRO A 343 -13.09 -5.93 7.49
C PRO A 343 -13.49 -7.30 8.01
N SER A 344 -12.80 -7.80 9.05
CA SER A 344 -13.10 -9.13 9.58
C SER A 344 -14.54 -9.27 10.05
N LEU A 345 -15.20 -8.17 10.42
CA LEU A 345 -16.62 -8.24 10.79
C LEU A 345 -17.51 -8.76 9.66
N ALA A 346 -16.99 -8.85 8.42
CA ALA A 346 -17.77 -9.46 7.35
C ALA A 346 -18.19 -10.87 7.69
N ILE A 347 -17.39 -11.59 8.46
CA ILE A 347 -17.65 -12.99 8.77
C ILE A 347 -18.88 -13.07 9.69
N PRO A 348 -18.94 -12.38 10.84
CA PRO A 348 -20.18 -12.42 11.62
C PRO A 348 -21.33 -11.65 10.99
N GLU A 349 -21.05 -10.59 10.21
CA GLU A 349 -22.14 -9.91 9.51
C GLU A 349 -22.79 -10.83 8.47
N LEU A 350 -21.99 -11.59 7.70
CA LEU A 350 -22.60 -12.53 6.76
C LEU A 350 -23.43 -13.57 7.50
N MET A 351 -22.91 -14.10 8.60
CA MET A 351 -23.71 -15.00 9.43
C MET A 351 -24.98 -14.33 9.93
N ARG A 352 -24.87 -13.07 10.37
CA ARG A 352 -26.05 -12.37 10.89
C ARG A 352 -27.14 -12.27 9.83
N VAL A 353 -26.75 -11.88 8.61
CA VAL A 353 -27.71 -11.75 7.53
C VAL A 353 -28.31 -13.13 7.19
N LEU A 354 -27.45 -14.15 7.05
CA LEU A 354 -27.96 -15.46 6.61
C LEU A 354 -28.86 -16.09 7.66
N VAL A 355 -28.50 -15.97 8.95
CA VAL A 355 -29.30 -16.60 10.00
C VAL A 355 -30.49 -15.72 10.38
N ASP A 356 -30.24 -14.44 10.71
CA ASP A 356 -31.30 -13.61 11.29
C ASP A 356 -32.29 -13.10 10.25
N LEU A 357 -31.83 -12.79 9.04
CA LEU A 357 -32.69 -12.19 8.04
C LEU A 357 -33.13 -13.17 6.97
N GLU A 358 -32.24 -14.04 6.52
CA GLU A 358 -32.59 -15.05 5.52
C GLU A 358 -33.05 -16.37 6.14
N ARG A 359 -32.94 -16.51 7.47
CA ARG A 359 -33.50 -17.64 8.21
C ARG A 359 -32.89 -18.97 7.81
N LEU A 360 -31.62 -18.98 7.41
CA LEU A 360 -30.89 -20.21 7.20
C LEU A 360 -30.51 -20.82 8.56
N ASP A 361 -30.38 -22.13 8.60
CA ASP A 361 -29.87 -22.73 9.81
CA ASP A 361 -29.84 -22.80 9.77
C ASP A 361 -28.39 -22.37 9.97
N TRP A 362 -27.94 -22.37 11.23
CA TRP A 362 -26.59 -21.92 11.54
C TRP A 362 -25.55 -22.69 10.73
N ASP A 363 -25.64 -24.02 10.70
CA ASP A 363 -24.59 -24.81 10.07
C ASP A 363 -24.51 -24.54 8.58
N LYS A 364 -25.65 -24.41 7.92
CA LYS A 364 -25.64 -24.08 6.49
C LYS A 364 -25.07 -22.69 6.27
N ALA A 365 -25.46 -21.73 7.10
CA ALA A 365 -24.93 -20.37 6.98
C ALA A 365 -23.42 -20.35 7.18
N TRP A 366 -22.92 -21.17 8.10
CA TRP A 366 -21.48 -21.20 8.36
C TRP A 366 -20.72 -21.82 7.19
N GLU A 367 -21.28 -22.88 6.60
CA GLU A 367 -20.65 -23.48 5.43
C GLU A 367 -20.53 -22.46 4.31
N VAL A 368 -21.60 -21.71 4.05
CA VAL A 368 -21.58 -20.65 3.04
C VAL A 368 -20.52 -19.60 3.37
N THR A 369 -20.48 -19.17 4.63
CA THR A 369 -19.59 -18.07 5.03
C THR A 369 -18.14 -18.43 4.80
N VAL A 370 -17.72 -19.58 5.34
CA VAL A 370 -16.32 -19.99 5.23
C VAL A 370 -15.91 -20.17 3.77
N LYS A 371 -16.80 -20.76 2.95
CA LYS A 371 -16.50 -20.91 1.53
C LYS A 371 -16.51 -19.58 0.79
N THR A 372 -17.17 -18.55 1.33
CA THR A 372 -17.19 -17.25 0.69
C THR A 372 -15.94 -16.43 1.03
N CYS A 373 -15.46 -16.54 2.25
CA CYS A 373 -14.48 -15.58 2.78
C CYS A 373 -13.06 -16.13 2.72
N ALA A 374 -12.11 -15.24 2.49
CA ALA A 374 -10.70 -15.56 2.60
C ALA A 374 -9.96 -14.37 3.20
N TYR A 375 -8.85 -14.64 3.87
CA TYR A 375 -8.20 -13.65 4.72
C TYR A 375 -6.74 -13.53 4.36
N THR A 376 -6.29 -12.30 4.14
CA THR A 376 -4.90 -12.00 3.88
C THR A 376 -4.28 -11.31 5.09
N ASN A 377 -3.20 -11.88 5.59
CA ASN A 377 -2.46 -11.35 6.73
C ASN A 377 -1.26 -10.58 6.22
N HIS A 378 -0.98 -9.42 6.84
CA HIS A 378 0.05 -8.52 6.35
C HIS A 378 1.21 -8.28 7.30
N THR A 379 1.16 -8.74 8.54
CA THR A 379 2.28 -8.49 9.42
C THR A 379 2.23 -9.42 10.62
N VAL A 380 3.41 -9.79 11.12
CA VAL A 380 3.52 -10.57 12.34
C VAL A 380 3.72 -9.72 13.58
N LEU A 381 3.88 -8.39 13.46
CA LEU A 381 4.18 -7.57 14.63
C LEU A 381 2.98 -7.58 15.58
N PRO A 382 3.15 -8.01 16.84
CA PRO A 382 1.97 -8.20 17.70
C PRO A 382 1.15 -6.94 17.91
N GLU A 383 1.79 -5.78 17.93
CA GLU A 383 1.09 -4.53 18.16
C GLU A 383 0.19 -4.12 17.01
N ALA A 384 0.25 -4.83 15.88
CA ALA A 384 -0.64 -4.59 14.77
C ALA A 384 -1.95 -5.37 14.87
N LEU A 385 -1.97 -6.46 15.65
CA LEU A 385 -3.12 -7.34 15.74
C LEU A 385 -4.32 -6.61 16.34
N GLU A 386 -5.47 -6.71 15.67
CA GLU A 386 -6.71 -6.13 16.17
C GLU A 386 -7.31 -7.04 17.24
N ARG A 387 -7.39 -6.53 18.45
CA ARG A 387 -7.93 -7.26 19.60
C ARG A 387 -8.92 -6.32 20.29
N TRP A 388 -10.20 -6.39 19.87
CA TRP A 388 -11.20 -5.43 20.31
C TRP A 388 -11.77 -5.82 21.68
N PRO A 389 -11.89 -4.87 22.61
CA PRO A 389 -12.51 -5.19 23.91
C PRO A 389 -13.93 -5.71 23.74
N VAL A 390 -14.23 -6.77 24.49
CA VAL A 390 -15.55 -7.39 24.41
C VAL A 390 -16.64 -6.39 24.79
N HIS A 391 -16.37 -5.51 25.77
CA HIS A 391 -17.42 -4.59 26.17
CA HIS A 391 -17.37 -4.54 26.19
C HIS A 391 -17.71 -3.58 25.06
N LEU A 392 -16.73 -3.24 24.23
CA LEU A 392 -16.96 -2.31 23.14
C LEU A 392 -17.81 -2.96 22.06
N LEU A 393 -17.47 -4.20 21.70
CA LEU A 393 -18.29 -4.96 20.77
C LEU A 393 -19.70 -5.17 21.31
N GLU A 394 -19.82 -5.48 22.60
CA GLU A 394 -21.14 -5.72 23.16
C GLU A 394 -22.03 -4.50 23.04
N THR A 395 -21.45 -3.31 23.26
CA THR A 395 -22.22 -2.07 23.16
C THR A 395 -22.55 -1.72 21.72
N LEU A 396 -21.54 -1.71 20.85
CA LEU A 396 -21.74 -1.19 19.50
C LEU A 396 -22.44 -2.19 18.61
N LEU A 397 -22.10 -3.48 18.76
CA LEU A 397 -22.53 -4.53 17.84
C LEU A 397 -22.97 -5.75 18.64
N PRO A 398 -24.02 -5.61 19.45
CA PRO A 398 -24.36 -6.70 20.39
C PRO A 398 -24.64 -8.03 19.70
N ARG A 399 -25.27 -8.01 18.53
CA ARG A 399 -25.56 -9.26 17.85
C ARG A 399 -24.29 -9.88 17.25
N HIS A 400 -23.34 -9.05 16.82
CA HIS A 400 -22.10 -9.61 16.30
C HIS A 400 -21.31 -10.29 17.39
N LEU A 401 -21.35 -9.76 18.62
CA LEU A 401 -20.60 -10.41 19.69
C LEU A 401 -21.23 -11.77 20.01
N GLN A 402 -22.56 -11.85 20.05
CA GLN A 402 -23.22 -13.14 20.23
C GLN A 402 -22.79 -14.13 19.17
N ILE A 403 -22.78 -13.70 17.91
CA ILE A 403 -22.42 -14.61 16.82
C ILE A 403 -20.96 -15.01 16.95
N ILE A 404 -20.10 -14.08 17.38
CA ILE A 404 -18.69 -14.39 17.55
C ILE A 404 -18.50 -15.44 18.63
N TYR A 405 -19.22 -15.31 19.74
CA TYR A 405 -19.15 -16.30 20.80
C TYR A 405 -19.60 -17.67 20.30
N GLU A 406 -20.68 -17.71 19.51
CA GLU A 406 -21.15 -18.97 18.97
C GLU A 406 -20.12 -19.57 18.00
N ILE A 407 -19.53 -18.71 17.15
CA ILE A 407 -18.46 -19.15 16.27
C ILE A 407 -17.34 -19.78 17.09
N ASN A 408 -16.96 -19.11 18.18
CA ASN A 408 -15.85 -19.59 19.00
C ASN A 408 -16.16 -20.95 19.62
N GLN A 409 -17.35 -21.10 20.19
CA GLN A 409 -17.72 -22.36 20.84
C GLN A 409 -17.66 -23.52 19.85
N ARG A 410 -18.24 -23.33 18.65
CA ARG A 410 -18.22 -24.38 17.65
C ARG A 410 -16.81 -24.64 17.14
N PHE A 411 -16.03 -23.59 16.93
CA PHE A 411 -14.66 -23.79 16.45
C PHE A 411 -13.82 -24.52 17.49
N LEU A 412 -13.91 -24.10 18.75
CA LEU A 412 -13.14 -24.76 19.79
C LEU A 412 -13.60 -26.20 20.00
N ASN A 413 -14.89 -26.47 19.79
CA ASN A 413 -15.34 -27.86 19.80
C ASN A 413 -14.61 -28.68 18.74
N ARG A 414 -14.41 -28.11 17.55
CA ARG A 414 -13.62 -28.80 16.54
C ARG A 414 -12.17 -29.01 16.98
N VAL A 415 -11.58 -27.97 17.57
CA VAL A 415 -10.21 -28.10 18.07
C VAL A 415 -10.13 -29.22 19.10
N ALA A 416 -11.06 -29.21 20.06
CA ALA A 416 -11.06 -30.21 21.12
C ALA A 416 -11.22 -31.63 20.57
N ALA A 417 -12.02 -31.79 19.51
CA ALA A 417 -12.18 -33.11 18.89
C ALA A 417 -10.94 -33.53 18.13
N ALA A 418 -10.22 -32.58 17.52
CA ALA A 418 -9.03 -32.95 16.78
C ALA A 418 -7.84 -33.19 17.71
N PHE A 419 -7.79 -32.50 18.84
CA PHE A 419 -6.64 -32.53 19.75
C PHE A 419 -7.16 -32.77 21.16
N PRO A 420 -7.69 -33.96 21.43
CA PRO A 420 -8.38 -34.19 22.71
C PRO A 420 -7.44 -34.00 23.89
N GLY A 421 -7.88 -33.22 24.87
CA GLY A 421 -7.09 -32.99 26.06
C GLY A 421 -6.05 -31.89 25.94
N ASP A 422 -5.85 -31.29 24.77
CA ASP A 422 -4.88 -30.21 24.63
C ASP A 422 -5.55 -28.90 25.04
N VAL A 423 -5.55 -28.63 26.35
CA VAL A 423 -6.26 -27.49 26.87
C VAL A 423 -5.55 -26.19 26.53
N ASP A 424 -4.21 -26.20 26.57
CA ASP A 424 -3.45 -25.00 26.21
C ASP A 424 -3.75 -24.58 24.77
N ARG A 425 -3.88 -25.53 23.86
CA ARG A 425 -4.22 -25.21 22.48
C ARG A 425 -5.58 -24.54 22.40
N LEU A 426 -6.54 -25.02 23.21
CA LEU A 426 -7.84 -24.37 23.28
C LEU A 426 -7.69 -22.91 23.69
N ARG A 427 -6.94 -22.65 24.76
CA ARG A 427 -6.76 -21.26 25.19
C ARG A 427 -6.07 -20.44 24.11
N ARG A 428 -5.09 -21.01 23.42
CA ARG A 428 -4.31 -20.24 22.44
C ARG A 428 -5.15 -19.92 21.20
N MET A 429 -5.99 -20.86 20.76
CA MET A 429 -6.72 -20.69 19.52
C MET A 429 -8.02 -19.91 19.69
N SER A 430 -8.47 -19.71 20.92
CA SER A 430 -9.79 -19.11 21.13
C SER A 430 -9.85 -17.73 20.48
N LEU A 431 -11.03 -17.42 19.93
CA LEU A 431 -11.28 -16.07 19.46
C LEU A 431 -11.33 -15.09 20.63
N VAL A 432 -11.56 -15.59 21.83
CA VAL A 432 -11.66 -14.75 23.03
C VAL A 432 -10.33 -14.81 23.76
N GLU A 433 -9.76 -13.65 24.02
CA GLU A 433 -8.50 -13.52 24.75
C GLU A 433 -8.82 -13.01 26.15
N GLU A 434 -8.37 -13.75 27.16
CA GLU A 434 -8.66 -13.40 28.54
C GLU A 434 -7.66 -12.35 29.05
N GLY A 435 -8.01 -11.73 30.16
CA GLY A 435 -7.18 -10.72 30.75
C GLY A 435 -8.03 -9.73 31.52
N ALA A 436 -7.39 -8.64 31.96
CA ALA A 436 -8.14 -7.57 32.62
C ALA A 436 -9.25 -7.06 31.72
N VAL A 437 -8.92 -6.77 30.47
CA VAL A 437 -9.89 -6.51 29.43
C VAL A 437 -9.99 -7.78 28.60
N LYS A 438 -11.15 -8.43 28.61
CA LYS A 438 -11.42 -9.50 27.65
C LYS A 438 -11.56 -8.91 26.25
N ARG A 439 -10.99 -9.61 25.26
CA ARG A 439 -10.94 -9.10 23.89
C ARG A 439 -11.24 -10.21 22.90
N ILE A 440 -11.69 -9.82 21.72
CA ILE A 440 -11.81 -10.74 20.59
C ILE A 440 -10.59 -10.57 19.70
N ASN A 441 -9.91 -11.67 19.41
CA ASN A 441 -8.79 -11.68 18.47
C ASN A 441 -9.34 -11.78 17.05
N MET A 442 -9.27 -10.68 16.30
CA MET A 442 -9.89 -10.67 14.97
C MET A 442 -9.14 -11.53 13.96
N ALA A 443 -7.83 -11.72 14.13
CA ALA A 443 -7.13 -12.68 13.28
C ALA A 443 -7.66 -14.09 13.48
N HIS A 444 -7.89 -14.50 14.72
CA HIS A 444 -8.44 -15.83 14.95
C HIS A 444 -9.84 -15.94 14.35
N LEU A 445 -10.66 -14.90 14.48
CA LEU A 445 -11.95 -14.91 13.81
C LEU A 445 -11.78 -15.12 12.30
N CYS A 446 -10.85 -14.39 11.68
CA CYS A 446 -10.67 -14.51 10.23
C CYS A 446 -10.28 -15.93 9.82
N ILE A 447 -9.34 -16.56 10.55
CA ILE A 447 -8.93 -17.91 10.19
C ILE A 447 -10.10 -18.88 10.31
N ALA A 448 -10.84 -18.77 11.42
CA ALA A 448 -11.96 -19.68 11.64
C ALA A 448 -13.04 -19.52 10.57
N GLY A 449 -13.28 -18.29 10.12
CA GLY A 449 -14.35 -18.00 9.19
C GLY A 449 -13.96 -17.93 7.73
N SER A 450 -12.74 -18.35 7.37
CA SER A 450 -12.23 -18.25 6.00
C SER A 450 -11.76 -19.62 5.50
N HIS A 451 -12.03 -19.92 4.23
CA HIS A 451 -11.49 -21.15 3.64
C HIS A 451 -10.05 -20.99 3.19
N ALA A 452 -9.53 -19.77 3.11
CA ALA A 452 -8.13 -19.58 2.77
C ALA A 452 -7.56 -18.46 3.62
N VAL A 453 -6.32 -18.68 4.06
CA VAL A 453 -5.50 -17.70 4.76
C VAL A 453 -4.18 -17.61 4.04
N ASN A 454 -3.76 -16.39 3.68
CA ASN A 454 -2.49 -16.25 2.98
C ASN A 454 -1.64 -15.15 3.59
N GLY A 455 -0.33 -15.40 3.64
CA GLY A 455 0.66 -14.35 3.80
C GLY A 455 1.06 -13.79 2.45
N VAL A 456 1.92 -12.78 2.50
CA VAL A 456 2.16 -11.91 1.35
C VAL A 456 3.57 -12.05 0.81
N ALA A 457 4.35 -13.00 1.33
CA ALA A 457 5.61 -13.42 0.71
C ALA A 457 5.94 -14.79 1.27
N ARG A 458 6.76 -15.53 0.52
CA ARG A 458 6.99 -16.93 0.86
C ARG A 458 7.49 -17.07 2.30
N ILE A 459 8.50 -16.27 2.68
CA ILE A 459 9.07 -16.39 4.02
C ILE A 459 8.03 -16.05 5.08
N HIS A 460 7.17 -15.07 4.79
CA HIS A 460 6.13 -14.68 5.73
C HIS A 460 5.07 -15.75 5.86
N SER A 461 4.63 -16.31 4.72
CA SER A 461 3.61 -17.34 4.76
C SER A 461 4.10 -18.60 5.49
N GLU A 462 5.39 -18.90 5.37
CA GLU A 462 5.93 -20.03 6.14
C GLU A 462 5.97 -19.70 7.64
N ILE A 463 6.41 -18.49 7.98
CA ILE A 463 6.41 -18.07 9.39
C ILE A 463 5.03 -18.21 10.00
N LEU A 464 3.98 -17.88 9.23
CA LEU A 464 2.61 -18.04 9.71
C LEU A 464 2.32 -19.49 10.06
N LYS A 465 2.74 -20.41 9.21
CA LYS A 465 2.51 -21.82 9.49
C LYS A 465 3.40 -22.33 10.62
N LYS A 466 4.58 -21.73 10.78
CA LYS A 466 5.55 -22.20 11.76
C LYS A 466 5.35 -21.61 13.15
N THR A 467 4.93 -20.35 13.23
CA THR A 467 4.86 -19.69 14.53
C THR A 467 3.47 -19.18 14.87
N ILE A 468 3.10 -17.98 14.41
CA ILE A 468 1.96 -17.34 15.08
C ILE A 468 0.63 -18.01 14.76
N PHE A 469 0.51 -18.74 13.65
CA PHE A 469 -0.72 -19.48 13.39
C PHE A 469 -0.46 -20.99 13.36
N LYS A 470 0.62 -21.45 13.99
CA LYS A 470 0.98 -22.86 13.94
C LYS A 470 -0.18 -23.76 14.39
N ASP A 471 -0.89 -23.36 15.46
CA ASP A 471 -2.01 -24.16 15.95
C ASP A 471 -3.09 -24.29 14.89
N PHE A 472 -3.41 -23.17 14.23
CA PHE A 472 -4.44 -23.18 13.19
C PHE A 472 -3.99 -23.97 11.97
N TYR A 473 -2.70 -23.87 11.65
CA TYR A 473 -2.17 -24.64 10.53
C TYR A 473 -2.27 -26.15 10.80
N GLU A 474 -2.04 -26.56 12.04
CA GLU A 474 -2.13 -27.98 12.38
C GLU A 474 -3.57 -28.47 12.33
N LEU A 475 -4.54 -27.62 12.68
CA LEU A 475 -5.93 -28.03 12.60
C LEU A 475 -6.41 -28.11 11.15
N GLU A 476 -6.04 -27.12 10.34
CA GLU A 476 -6.57 -26.98 8.98
C GLU A 476 -5.44 -26.58 8.04
N PRO A 477 -4.53 -27.50 7.74
CA PRO A 477 -3.37 -27.14 6.91
C PRO A 477 -3.73 -26.68 5.51
N HIS A 478 -4.80 -27.24 4.93
CA HIS A 478 -5.26 -26.87 3.60
C HIS A 478 -5.60 -25.38 3.49
N LYS A 479 -5.90 -24.71 4.60
CA LYS A 479 -6.31 -23.31 4.55
C LYS A 479 -5.17 -22.39 4.19
N PHE A 480 -3.93 -22.77 4.50
CA PHE A 480 -2.83 -21.82 4.57
C PHE A 480 -2.09 -21.77 3.23
N GLN A 481 -1.98 -20.57 2.68
CA GLN A 481 -1.39 -20.37 1.37
C GLN A 481 -0.38 -19.25 1.46
N ASN A 482 0.38 -19.12 0.37
CA ASN A 482 1.18 -17.94 0.12
C ASN A 482 0.65 -17.25 -1.14
N LYS A 483 0.65 -15.91 -1.11
CA LYS A 483 0.44 -15.11 -2.30
C LYS A 483 1.45 -13.96 -2.24
N THR A 484 2.63 -14.17 -2.82
CA THR A 484 3.65 -13.14 -2.81
C THR A 484 3.11 -11.89 -3.47
N ASN A 485 3.28 -10.75 -2.80
CA ASN A 485 2.76 -9.49 -3.29
C ASN A 485 3.38 -9.14 -4.64
N GLY A 486 2.80 -8.12 -5.25
CA GLY A 486 3.34 -7.56 -6.47
C GLY A 486 2.84 -6.14 -6.64
N ILE A 487 3.25 -5.54 -7.75
CA ILE A 487 2.94 -4.15 -8.10
C ILE A 487 2.52 -4.13 -9.55
N THR A 488 1.64 -3.20 -9.92
CA THR A 488 1.22 -3.18 -11.32
C THR A 488 2.30 -2.53 -12.19
N PRO A 489 2.72 -3.17 -13.28
CA PRO A 489 3.71 -2.53 -14.15
C PRO A 489 3.14 -1.41 -14.99
N ARG A 490 1.83 -1.17 -14.96
CA ARG A 490 1.29 0.03 -15.58
C ARG A 490 1.71 1.24 -14.76
N ARG A 491 1.11 1.44 -13.57
CA ARG A 491 1.52 2.59 -12.77
C ARG A 491 3.02 2.62 -12.50
N TRP A 492 3.62 1.46 -12.21
CA TRP A 492 4.97 1.45 -11.66
C TRP A 492 6.05 1.22 -12.70
N LEU A 493 5.70 1.24 -13.99
CA LEU A 493 6.76 1.33 -15.00
C LEU A 493 6.31 2.22 -16.16
N VAL A 494 5.25 1.83 -16.84
CA VAL A 494 4.85 2.57 -18.03
C VAL A 494 4.47 4.00 -17.69
N LEU A 495 3.75 4.19 -16.59
CA LEU A 495 3.32 5.51 -16.17
C LEU A 495 4.48 6.34 -15.60
N CYS A 496 5.17 5.80 -14.60
CA CYS A 496 6.16 6.63 -13.90
C CYS A 496 7.51 6.68 -14.58
N ASN A 497 7.83 5.72 -15.46
CA ASN A 497 9.14 5.66 -16.11
C ASN A 497 8.98 5.36 -17.60
N PRO A 498 8.32 6.26 -18.33
CA PRO A 498 8.08 5.97 -19.76
C PRO A 498 9.38 5.79 -20.56
N GLY A 499 10.45 6.48 -20.16
CA GLY A 499 11.73 6.31 -20.84
C GLY A 499 12.23 4.89 -20.76
N LEU A 500 12.20 4.30 -19.56
CA LEU A 500 12.61 2.90 -19.41
C LEU A 500 11.65 1.95 -20.13
N ALA A 501 10.34 2.18 -19.99
CA ALA A 501 9.39 1.35 -20.71
C ALA A 501 9.65 1.39 -22.21
N GLU A 502 10.11 2.54 -22.73
CA GLU A 502 10.33 2.67 -24.17
C GLU A 502 11.54 1.88 -24.63
N ILE A 503 12.68 2.06 -23.95
CA ILE A 503 13.88 1.35 -24.39
C ILE A 503 13.68 -0.16 -24.26
N ILE A 504 12.87 -0.60 -23.29
CA ILE A 504 12.53 -2.02 -23.21
C ILE A 504 11.69 -2.44 -24.41
N ALA A 505 10.61 -1.69 -24.68
CA ALA A 505 9.73 -2.02 -25.81
C ALA A 505 10.46 -2.01 -27.15
N GLU A 506 11.47 -1.13 -27.28
CA GLU A 506 12.23 -1.06 -28.51
C GLU A 506 12.92 -2.38 -28.82
N ARG A 507 13.23 -3.16 -27.78
CA ARG A 507 13.87 -4.46 -27.92
C ARG A 507 12.87 -5.61 -27.94
N ILE A 508 11.85 -5.62 -27.08
CA ILE A 508 11.06 -6.83 -26.90
C ILE A 508 9.59 -6.63 -27.20
N GLY A 509 9.19 -5.46 -27.66
CA GLY A 509 7.79 -5.20 -27.93
C GLY A 509 7.08 -4.74 -26.67
N GLU A 510 5.76 -4.64 -26.77
CA GLU A 510 4.95 -4.10 -25.68
C GLU A 510 4.18 -5.16 -24.91
N GLU A 511 4.28 -6.43 -25.31
CA GLU A 511 3.51 -7.48 -24.63
C GLU A 511 3.85 -7.56 -23.15
N TYR A 512 5.11 -7.26 -22.77
CA TYR A 512 5.51 -7.37 -21.38
C TYR A 512 4.66 -6.53 -20.44
N ILE A 513 4.00 -5.49 -20.96
CA ILE A 513 3.28 -4.55 -20.08
C ILE A 513 2.16 -5.26 -19.34
N SER A 514 1.64 -6.35 -19.90
CA SER A 514 0.72 -7.19 -19.13
C SER A 514 1.17 -8.65 -19.17
N ASP A 515 2.47 -8.87 -19.33
CA ASP A 515 3.04 -10.20 -19.30
C ASP A 515 4.49 -10.00 -18.86
N LEU A 516 4.65 -9.55 -17.59
CA LEU A 516 5.92 -8.97 -17.18
C LEU A 516 7.05 -9.98 -17.15
N ASP A 517 6.75 -11.28 -17.08
CA ASP A 517 7.81 -12.28 -17.15
C ASP A 517 8.61 -12.20 -18.44
N GLN A 518 8.08 -11.52 -19.46
CA GLN A 518 8.84 -11.32 -20.69
C GLN A 518 10.04 -10.39 -20.51
N LEU A 519 10.14 -9.69 -19.38
CA LEU A 519 11.34 -8.90 -19.13
C LEU A 519 12.59 -9.78 -19.07
N ARG A 520 12.45 -11.08 -18.82
CA ARG A 520 13.59 -11.99 -18.85
C ARG A 520 14.28 -12.01 -20.21
N LYS A 521 13.57 -11.64 -21.27
CA LYS A 521 14.21 -11.48 -22.58
C LYS A 521 15.35 -10.48 -22.52
N LEU A 522 15.31 -9.53 -21.57
CA LEU A 522 16.36 -8.54 -21.48
C LEU A 522 17.69 -9.11 -20.99
N LEU A 523 17.71 -10.31 -20.42
CA LEU A 523 19.00 -10.89 -20.06
C LEU A 523 19.86 -11.12 -21.30
N SER A 524 19.22 -11.28 -22.46
CA SER A 524 19.97 -11.41 -23.70
C SER A 524 20.81 -10.17 -24.00
N TYR A 525 20.45 -9.01 -23.43
CA TYR A 525 21.07 -7.73 -23.77
C TYR A 525 22.11 -7.30 -22.75
N VAL A 526 22.54 -8.19 -21.87
CA VAL A 526 23.41 -7.77 -20.78
C VAL A 526 24.77 -7.33 -21.30
N ASP A 527 25.16 -7.78 -22.48
CA ASP A 527 26.41 -7.33 -23.09
C ASP A 527 26.17 -6.46 -24.31
N ASP A 528 24.97 -5.93 -24.45
CA ASP A 528 24.61 -5.12 -25.60
C ASP A 528 24.94 -3.66 -25.30
N GLU A 529 25.91 -3.10 -26.04
CA GLU A 529 26.39 -1.76 -25.72
C GLU A 529 25.28 -0.73 -25.86
N ALA A 530 24.37 -0.92 -26.83
CA ALA A 530 23.31 0.06 -27.02
C ALA A 530 22.35 0.06 -25.85
N PHE A 531 21.96 -1.13 -25.40
CA PHE A 531 21.03 -1.20 -24.27
C PHE A 531 21.70 -0.69 -22.99
N ILE A 532 22.95 -1.09 -22.74
CA ILE A 532 23.68 -0.57 -21.59
C ILE A 532 23.68 0.95 -21.60
N ARG A 533 23.98 1.54 -22.76
CA ARG A 533 23.96 2.99 -22.90
C ARG A 533 22.57 3.54 -22.57
N ASP A 534 21.53 2.91 -23.10
CA ASP A 534 20.18 3.43 -22.96
C ASP A 534 19.68 3.32 -21.52
N VAL A 535 19.94 2.20 -20.86
CA VAL A 535 19.57 2.03 -19.47
C VAL A 535 20.17 3.15 -18.62
N ALA A 536 21.48 3.38 -18.78
CA ALA A 536 22.12 4.44 -18.00
C ALA A 536 21.60 5.81 -18.40
N LYS A 537 21.33 6.01 -19.70
CA LYS A 537 20.81 7.31 -20.13
C LYS A 537 19.44 7.58 -19.53
N VAL A 538 18.58 6.57 -19.51
CA VAL A 538 17.26 6.75 -18.93
C VAL A 538 17.39 7.10 -17.45
N LYS A 539 18.24 6.38 -16.71
CA LYS A 539 18.38 6.68 -15.28
C LYS A 539 18.86 8.11 -15.06
N GLN A 540 19.83 8.55 -15.86
CA GLN A 540 20.32 9.91 -15.72
C GLN A 540 19.24 10.95 -16.02
N GLU A 541 18.40 10.69 -17.03
CA GLU A 541 17.30 11.61 -17.31
C GLU A 541 16.32 11.69 -16.14
N ASN A 542 15.97 10.54 -15.56
CA ASN A 542 15.09 10.52 -14.40
C ASN A 542 15.70 11.27 -13.22
N LYS A 543 17.01 11.13 -13.02
CA LYS A 543 17.66 11.83 -11.91
C LYS A 543 17.65 13.34 -12.14
N LEU A 544 17.88 13.78 -13.38
CA LEU A 544 17.79 15.21 -13.67
C LEU A 544 16.37 15.71 -13.48
N LYS A 545 15.39 14.90 -13.87
CA LYS A 545 13.99 15.28 -13.71
C LYS A 545 13.63 15.41 -12.23
N PHE A 546 14.11 14.49 -11.40
CA PHE A 546 13.80 14.59 -9.98
C PHE A 546 14.53 15.78 -9.34
N ALA A 547 15.79 15.99 -9.71
CA ALA A 547 16.50 17.16 -9.23
C ALA A 547 15.80 18.45 -9.63
N ALA A 548 15.23 18.49 -10.85
CA ALA A 548 14.46 19.65 -11.26
C ALA A 548 13.20 19.82 -10.42
N TYR A 549 12.55 18.71 -10.07
CA TYR A 549 11.40 18.75 -9.18
C TYR A 549 11.76 19.38 -7.84
N LEU A 550 12.88 18.94 -7.24
CA LEU A 550 13.24 19.45 -5.92
C LEU A 550 13.61 20.93 -5.99
N GLU A 551 14.24 21.35 -7.07
CA GLU A 551 14.58 22.76 -7.24
C GLU A 551 13.31 23.60 -7.40
N ARG A 552 12.44 23.17 -8.30
CA ARG A 552 11.22 23.92 -8.59
C ARG A 552 10.32 24.02 -7.35
N GLU A 553 10.09 22.88 -6.68
CA GLU A 553 9.07 22.84 -5.64
C GLU A 553 9.58 23.20 -4.26
N TYR A 554 10.88 23.04 -4.00
CA TYR A 554 11.42 23.29 -2.68
C TYR A 554 12.71 24.10 -2.65
N LYS A 555 13.23 24.54 -3.80
CA LYS A 555 14.51 25.27 -3.87
C LYS A 555 15.63 24.47 -3.20
N VAL A 556 15.55 23.16 -3.29
CA VAL A 556 16.60 22.28 -2.78
C VAL A 556 17.47 21.84 -3.94
N HIS A 557 18.78 21.98 -3.80
CA HIS A 557 19.74 21.62 -4.83
C HIS A 557 20.42 20.31 -4.49
N ILE A 558 20.32 19.32 -5.39
CA ILE A 558 21.02 18.06 -5.23
C ILE A 558 21.97 17.85 -6.40
N ASN A 559 23.11 17.27 -6.10
CA ASN A 559 24.16 16.96 -7.08
C ASN A 559 23.68 15.85 -8.00
N PRO A 560 23.37 16.12 -9.27
CA PRO A 560 22.79 15.07 -10.13
C PRO A 560 23.80 13.99 -10.49
N ASN A 561 25.09 14.26 -10.30
CA ASN A 561 26.16 13.28 -10.50
C ASN A 561 26.55 12.60 -9.19
N SER A 562 25.57 12.34 -8.34
CA SER A 562 25.78 11.57 -7.12
C SER A 562 24.89 10.35 -7.19
N LEU A 563 25.29 9.33 -6.43
CA LEU A 563 24.49 8.14 -6.27
C LEU A 563 23.24 8.49 -5.46
N PHE A 564 22.06 8.26 -6.03
CA PHE A 564 20.81 8.55 -5.31
C PHE A 564 20.48 7.34 -4.44
N ASP A 565 20.68 7.51 -3.14
CA ASP A 565 20.50 6.48 -2.12
C ASP A 565 19.18 6.78 -1.40
N VAL A 566 18.15 5.96 -1.63
CA VAL A 566 16.77 6.33 -1.32
C VAL A 566 16.13 5.29 -0.40
N GLN A 567 15.59 5.76 0.72
CA GLN A 567 14.78 4.94 1.61
C GLN A 567 13.45 5.67 1.79
N VAL A 568 12.42 5.21 1.09
CA VAL A 568 11.10 5.80 1.20
C VAL A 568 10.11 4.71 1.57
N LYS A 569 9.34 4.97 2.63
CA LYS A 569 8.45 4.01 3.28
C LYS A 569 8.03 4.67 4.57
N ARG A 570 6.94 4.21 5.18
CA ARG A 570 6.48 4.78 6.44
C ARG A 570 7.58 4.67 7.50
N ILE A 571 7.68 5.69 8.36
CA ILE A 571 8.72 5.71 9.39
C ILE A 571 8.36 4.76 10.53
N HIS A 572 9.16 3.71 10.72
CA HIS A 572 8.99 2.79 11.84
C HIS A 572 10.34 2.30 12.31
N GLU A 573 10.40 1.92 13.59
CA GLU A 573 11.63 1.31 14.11
C GLU A 573 11.98 0.03 13.36
N TYR A 574 10.97 -0.78 12.98
CA TYR A 574 11.29 -2.06 12.35
C TYR A 574 11.86 -1.89 10.94
N LYS A 575 11.55 -0.78 10.26
CA LYS A 575 12.10 -0.52 8.94
C LYS A 575 13.51 0.04 9.02
N ARG A 576 13.91 0.54 10.20
CA ARG A 576 15.29 0.88 10.55
C ARG A 576 15.86 2.02 9.72
N GLN A 577 15.05 3.06 9.51
CA GLN A 577 15.62 4.33 9.10
C GLN A 577 16.78 4.74 10.00
N LEU A 578 16.72 4.34 11.28
CA LEU A 578 17.81 4.66 12.19
C LEU A 578 19.12 3.98 11.78
N LEU A 579 19.04 2.77 11.22
CA LEU A 579 20.26 2.13 10.75
C LEU A 579 20.87 2.90 9.59
N ASN A 580 20.02 3.37 8.67
CA ASN A 580 20.45 4.29 7.62
C ASN A 580 21.10 5.53 8.21
N CYS A 581 20.46 6.14 9.22
CA CYS A 581 21.06 7.28 9.90
C CYS A 581 22.46 6.96 10.38
N LEU A 582 22.65 5.81 11.02
CA LEU A 582 23.98 5.47 11.53
C LEU A 582 24.98 5.40 10.39
N HIS A 583 24.57 4.83 9.25
CA HIS A 583 25.51 4.74 8.13
C HIS A 583 25.84 6.11 7.58
N VAL A 584 24.82 6.98 7.42
CA VAL A 584 25.06 8.34 6.94
C VAL A 584 26.06 9.06 7.82
N ILE A 585 25.92 8.93 9.14
CA ILE A 585 26.89 9.61 10.00
C ILE A 585 28.25 8.96 9.87
N THR A 586 28.29 7.64 9.62
CA THR A 586 29.57 6.97 9.39
C THR A 586 30.27 7.57 8.18
N LEU A 587 29.54 7.76 7.07
CA LEU A 587 30.14 8.36 5.89
C LEU A 587 30.67 9.76 6.20
N TYR A 588 29.90 10.53 6.96
CA TYR A 588 30.34 11.87 7.33
C TYR A 588 31.59 11.83 8.20
N ASN A 589 31.62 10.96 9.20
CA ASN A 589 32.77 10.88 10.10
C ASN A 589 34.02 10.36 9.38
N ARG A 590 33.85 9.42 8.46
CA ARG A 590 35.01 8.96 7.68
C ARG A 590 35.54 10.05 6.77
N ILE A 591 34.66 10.89 6.22
CA ILE A 591 35.13 12.02 5.40
C ILE A 591 35.92 12.99 6.27
N LYS A 592 35.40 13.31 7.45
CA LYS A 592 36.12 14.24 8.32
C LYS A 592 37.45 13.66 8.76
N LYS A 593 37.54 12.33 8.91
CA LYS A 593 38.78 11.69 9.33
C LYS A 593 39.84 11.75 8.24
N GLU A 594 39.46 11.46 6.99
CA GLU A 594 40.37 11.49 5.86
C GLU A 594 39.77 12.37 4.76
N PRO A 595 39.82 13.69 4.92
CA PRO A 595 39.17 14.55 3.91
C PRO A 595 39.71 14.38 2.51
N ASN A 596 40.96 13.92 2.36
CA ASN A 596 41.57 13.83 1.03
C ASN A 596 41.19 12.56 0.28
N LYS A 597 40.51 11.61 0.93
CA LYS A 597 40.22 10.31 0.31
C LYS A 597 38.96 10.39 -0.55
N PHE A 598 39.06 9.92 -1.79
CA PHE A 598 37.90 9.93 -2.67
C PHE A 598 36.83 8.99 -2.15
N VAL A 599 35.59 9.47 -2.14
CA VAL A 599 34.42 8.64 -1.91
C VAL A 599 33.40 8.94 -2.98
N VAL A 600 32.65 7.92 -3.38
CA VAL A 600 31.56 8.06 -4.33
C VAL A 600 30.59 9.08 -3.76
N PRO A 601 30.30 10.18 -4.46
CA PRO A 601 29.34 11.14 -3.92
C PRO A 601 27.96 10.54 -3.83
N ARG A 602 27.24 10.89 -2.77
CA ARG A 602 25.91 10.36 -2.51
C ARG A 602 24.96 11.50 -2.19
N THR A 603 23.73 11.36 -2.65
CA THR A 603 22.59 12.09 -2.11
C THR A 603 21.75 11.03 -1.41
N VAL A 604 21.80 11.03 -0.08
CA VAL A 604 21.01 10.07 0.70
C VAL A 604 19.65 10.70 0.95
N MET A 605 18.60 10.03 0.49
CA MET A 605 17.23 10.54 0.58
C MET A 605 16.41 9.60 1.45
N ILE A 606 15.73 10.16 2.45
CA ILE A 606 14.82 9.40 3.30
C ILE A 606 13.49 10.15 3.31
N GLY A 607 12.40 9.42 3.13
CA GLY A 607 11.10 10.05 3.19
C GLY A 607 10.09 9.05 3.70
N GLY A 608 9.00 9.58 4.21
CA GLY A 608 7.93 8.76 4.75
C GLY A 608 7.24 9.46 5.90
N LYS A 609 6.02 9.02 6.19
CA LYS A 609 5.23 9.65 7.22
C LYS A 609 5.31 8.86 8.52
N ALA A 610 5.33 9.58 9.63
CA ALA A 610 5.20 8.98 10.95
C ALA A 610 3.76 9.12 11.43
N ALA A 611 3.25 8.09 12.11
CA ALA A 611 1.92 8.21 12.69
C ALA A 611 1.91 9.31 13.74
N PRO A 612 0.87 10.13 13.79
CA PRO A 612 0.86 11.30 14.69
C PRO A 612 1.23 11.02 16.15
N GLY A 613 0.88 9.87 16.71
CA GLY A 613 1.15 9.64 18.12
C GLY A 613 2.35 8.77 18.42
N TYR A 614 3.24 8.60 17.46
CA TYR A 614 4.37 7.67 17.57
C TYR A 614 5.60 8.54 17.80
N HIS A 615 5.91 8.77 19.08
CA HIS A 615 6.98 9.70 19.45
C HIS A 615 8.32 9.32 18.83
N MET A 616 8.68 8.04 18.91
CA MET A 616 9.99 7.62 18.39
C MET A 616 10.11 7.90 16.89
N ALA A 617 9.04 7.63 16.14
CA ALA A 617 9.08 7.87 14.70
C ALA A 617 9.26 9.35 14.40
N LYS A 618 8.58 10.21 15.15
CA LYS A 618 8.76 11.64 14.93
C LYS A 618 10.16 12.09 15.30
N MET A 619 10.74 11.50 16.37
CA MET A 619 12.13 11.82 16.71
C MET A 619 13.08 11.37 15.61
N ILE A 620 12.76 10.26 14.93
CA ILE A 620 13.65 9.77 13.88
C ILE A 620 13.66 10.72 12.70
N ILE A 621 12.48 11.27 12.34
CA ILE A 621 12.43 12.29 11.28
C ILE A 621 13.29 13.48 11.68
N LYS A 622 13.15 13.94 12.92
CA LYS A 622 13.94 15.08 13.37
C LYS A 622 15.44 14.78 13.33
N LEU A 623 15.83 13.54 13.65
CA LEU A 623 17.23 13.17 13.55
C LEU A 623 17.73 13.24 12.10
N ILE A 624 16.92 12.75 11.16
CA ILE A 624 17.32 12.81 9.76
C ILE A 624 17.59 14.25 9.34
N THR A 625 16.66 15.16 9.64
CA THR A 625 16.88 16.55 9.26
C THR A 625 18.01 17.17 10.05
N ALA A 626 18.22 16.74 11.31
CA ALA A 626 19.32 17.28 12.11
C ALA A 626 20.67 16.83 11.57
N ILE A 627 20.78 15.57 11.15
CA ILE A 627 21.99 15.11 10.48
C ILE A 627 22.25 15.96 9.24
N GLY A 628 21.22 16.16 8.41
CA GLY A 628 21.37 17.01 7.25
C GLY A 628 21.85 18.41 7.58
N ASP A 629 21.36 18.97 8.70
CA ASP A 629 21.75 20.33 9.06
C ASP A 629 23.25 20.44 9.30
N VAL A 630 23.87 19.39 9.83
CA VAL A 630 25.32 19.39 9.98
C VAL A 630 26.01 19.03 8.67
N VAL A 631 25.63 17.88 8.10
CA VAL A 631 26.32 17.35 6.93
C VAL A 631 26.23 18.33 5.77
N ASN A 632 25.02 18.81 5.46
CA ASN A 632 24.84 19.59 4.24
C ASN A 632 25.49 20.96 4.30
N HIS A 633 26.03 21.36 5.44
CA HIS A 633 26.64 22.67 5.58
C HIS A 633 28.11 22.60 5.98
N ASP A 634 28.70 21.41 5.95
CA ASP A 634 30.12 21.28 6.30
C ASP A 634 30.94 21.53 5.05
N PRO A 635 31.74 22.60 5.00
CA PRO A 635 32.49 22.91 3.77
C PRO A 635 33.48 21.82 3.37
N VAL A 636 33.94 21.01 4.32
CA VAL A 636 34.82 19.89 3.99
C VAL A 636 34.07 18.84 3.19
N VAL A 637 32.75 18.75 3.38
CA VAL A 637 31.95 17.76 2.70
C VAL A 637 31.56 18.24 1.31
N GLY A 638 31.12 19.48 1.21
CA GLY A 638 30.65 19.99 -0.07
C GLY A 638 29.53 19.12 -0.61
N ASP A 639 29.57 18.89 -1.92
CA ASP A 639 28.58 18.05 -2.58
C ASP A 639 29.01 16.58 -2.65
N ARG A 640 30.01 16.18 -1.86
CA ARG A 640 30.32 14.77 -1.76
C ARG A 640 29.28 13.98 -0.96
N LEU A 641 28.53 14.64 -0.08
CA LEU A 641 27.50 13.96 0.70
C LEU A 641 26.41 14.94 1.08
N ARG A 642 25.17 14.59 0.78
CA ARG A 642 24.02 15.38 1.18
C ARG A 642 22.97 14.43 1.72
N VAL A 643 22.25 14.89 2.75
CA VAL A 643 21.22 14.10 3.42
C VAL A 643 19.96 14.93 3.42
N ILE A 644 18.90 14.40 2.80
CA ILE A 644 17.68 15.15 2.55
C ILE A 644 16.49 14.30 2.99
N PHE A 645 15.54 14.93 3.67
CA PHE A 645 14.29 14.26 4.02
C PHE A 645 13.23 14.69 3.02
N LEU A 646 12.72 13.72 2.26
CA LEU A 646 11.72 14.03 1.24
C LEU A 646 10.36 14.20 1.91
N GLU A 647 9.82 15.40 1.80
CA GLU A 647 8.58 15.77 2.44
C GLU A 647 7.37 15.15 1.74
N ASN A 648 6.44 14.67 2.55
CA ASN A 648 5.10 14.28 2.10
C ASN A 648 5.14 13.12 1.11
N TYR A 649 5.86 12.07 1.48
CA TYR A 649 5.94 10.88 0.63
C TYR A 649 4.57 10.24 0.46
N ARG A 650 4.21 10.01 -0.79
CA ARG A 650 2.87 9.58 -1.17
C ARG A 650 3.01 8.95 -2.56
N VAL A 651 1.91 8.41 -3.07
CA VAL A 651 1.99 7.63 -4.31
C VAL A 651 2.57 8.46 -5.44
N SER A 652 2.11 9.72 -5.58
CA SER A 652 2.61 10.52 -6.70
C SER A 652 4.09 10.85 -6.55
N LEU A 653 4.56 11.03 -5.32
CA LEU A 653 5.98 11.30 -5.13
C LEU A 653 6.81 10.04 -5.36
N ALA A 654 6.29 8.88 -4.93
CA ALA A 654 6.96 7.62 -5.25
C ALA A 654 7.17 7.47 -6.76
N GLU A 655 6.19 7.90 -7.56
CA GLU A 655 6.32 7.82 -9.01
C GLU A 655 7.43 8.74 -9.55
N LYS A 656 7.78 9.80 -8.82
CA LYS A 656 8.85 10.70 -9.23
C LYS A 656 10.22 10.20 -8.76
N VAL A 657 10.32 9.78 -7.50
CA VAL A 657 11.65 9.52 -6.95
C VAL A 657 12.14 8.11 -7.24
N ILE A 658 11.25 7.11 -7.29
CA ILE A 658 11.70 5.74 -7.50
C ILE A 658 12.38 5.60 -8.86
N PRO A 659 11.85 6.13 -9.97
CA PRO A 659 12.59 6.03 -11.25
C PRO A 659 13.93 6.74 -11.25
N ALA A 660 14.18 7.63 -10.29
CA ALA A 660 15.46 8.33 -10.21
C ALA A 660 16.46 7.67 -9.27
N ALA A 661 16.08 6.58 -8.61
CA ALA A 661 16.92 6.03 -7.55
C ALA A 661 17.99 5.12 -8.12
N ASP A 662 19.20 5.22 -7.54
CA ASP A 662 20.26 4.26 -7.83
C ASP A 662 20.28 3.11 -6.82
N LEU A 663 20.09 3.41 -5.55
CA LEU A 663 20.20 2.42 -4.49
C LEU A 663 18.90 2.41 -3.70
N SER A 664 18.35 1.22 -3.52
CA SER A 664 17.07 1.01 -2.87
C SER A 664 17.30 0.42 -1.49
N GLU A 665 16.93 1.17 -0.46
CA GLU A 665 17.20 0.78 0.93
C GLU A 665 16.02 -0.05 1.43
N GLN A 666 16.27 -1.33 1.72
CA GLN A 666 15.24 -2.26 2.16
C GLN A 666 15.79 -3.03 3.36
N ILE A 667 15.91 -2.37 4.52
CA ILE A 667 16.84 -2.83 5.56
C ILE A 667 16.14 -3.15 6.87
N SER A 668 14.88 -3.58 6.78
CA SER A 668 14.14 -4.01 7.95
C SER A 668 14.86 -5.17 8.63
N THR A 669 14.67 -5.28 9.94
CA THR A 669 15.20 -6.43 10.67
C THR A 669 14.59 -7.72 10.14
N ALA A 670 15.43 -8.71 9.85
CA ALA A 670 14.95 -9.98 9.31
C ALA A 670 13.79 -10.51 10.14
N GLY A 671 12.69 -10.84 9.46
CA GLY A 671 11.52 -11.39 10.11
C GLY A 671 10.42 -10.37 10.37
N THR A 672 10.65 -9.09 10.11
CA THR A 672 9.67 -8.06 10.47
C THR A 672 8.87 -7.52 9.29
N GLU A 673 9.46 -7.43 8.09
CA GLU A 673 8.73 -6.91 6.93
C GLU A 673 8.10 -8.08 6.18
N ALA A 674 6.77 -8.22 6.30
CA ALA A 674 6.08 -9.39 5.74
C ALA A 674 6.43 -9.59 4.26
N SER A 675 6.34 -8.51 3.48
CA SER A 675 6.69 -8.62 2.07
C SER A 675 7.48 -7.41 1.63
N GLY A 676 6.88 -6.24 1.81
CA GLY A 676 7.37 -5.08 1.10
C GLY A 676 6.83 -5.09 -0.32
N THR A 677 6.58 -3.90 -0.84
CA THR A 677 6.32 -3.68 -2.26
C THR A 677 7.13 -2.52 -2.82
N GLY A 678 7.56 -1.57 -1.99
CA GLY A 678 8.45 -0.55 -2.48
C GLY A 678 9.72 -1.17 -3.01
N ASN A 679 10.17 -2.27 -2.39
CA ASN A 679 11.32 -3.01 -2.90
C ASN A 679 11.12 -3.41 -4.36
N MET A 680 9.92 -3.87 -4.70
CA MET A 680 9.66 -4.29 -6.07
C MET A 680 9.66 -3.12 -7.05
N1 LLP A 681 3.96 4.10 0.55
C2 LLP A 681 3.76 4.42 -0.76
C2' LLP A 681 3.32 5.81 -1.15
C3 LLP A 681 3.99 3.46 -1.75
O3 LLP A 681 3.80 3.80 -3.06
C4 LLP A 681 4.41 2.18 -1.39
C4' LLP A 681 4.83 1.19 -2.43
C5 LLP A 681 4.59 1.87 -0.05
C6 LLP A 681 4.38 2.84 0.92
C5' LLP A 681 5.07 0.49 0.37
OP4 LLP A 681 6.48 0.65 0.52
P LLP A 681 7.35 -0.38 1.43
OP1 LLP A 681 8.79 0.04 1.27
OP2 LLP A 681 6.87 -0.19 2.86
OP3 LLP A 681 7.10 -1.78 0.93
N LLP A 681 9.09 -1.97 -6.62
CA LLP A 681 9.07 -0.78 -7.47
CB LLP A 681 8.35 0.37 -6.76
CG LLP A 681 6.89 0.05 -6.44
CD LLP A 681 6.29 1.08 -5.48
CE LLP A 681 5.08 0.52 -4.77
NZ LLP A 681 4.58 1.53 -3.79
C LLP A 681 10.48 -0.35 -7.87
O LLP A 681 10.74 -0.01 -9.03
N PHE A 682 11.39 -0.31 -6.90
CA PHE A 682 12.77 0.06 -7.18
C PHE A 682 13.43 -0.91 -8.14
N MET A 683 13.18 -2.22 -7.94
CA MET A 683 13.80 -3.23 -8.79
C MET A 683 13.35 -3.07 -10.24
N LEU A 684 12.04 -2.85 -10.43
CA LEU A 684 11.49 -2.63 -11.76
C LEU A 684 12.00 -1.36 -12.40
N ASN A 685 12.46 -0.38 -11.62
CA ASN A 685 12.84 0.91 -12.17
C ASN A 685 14.34 1.17 -12.22
N GLY A 686 15.16 0.14 -12.08
CA GLY A 686 16.56 0.27 -12.40
C GLY A 686 17.44 0.73 -11.26
N ALA A 687 17.01 0.53 -10.03
CA ALA A 687 17.86 0.72 -8.86
C ALA A 687 18.37 -0.65 -8.42
N LEU A 688 19.57 -0.66 -7.83
CA LEU A 688 20.06 -1.84 -7.15
C LEU A 688 19.63 -1.78 -5.69
N THR A 689 19.52 -2.94 -5.06
CA THR A 689 18.89 -3.06 -3.75
C THR A 689 19.94 -3.41 -2.71
N ILE A 690 19.97 -2.68 -1.58
CA ILE A 690 20.70 -3.10 -0.39
C ILE A 690 19.66 -3.49 0.65
N GLY A 691 19.73 -4.72 1.16
CA GLY A 691 18.69 -5.17 2.05
C GLY A 691 19.04 -6.45 2.79
N THR A 692 18.23 -6.70 3.81
CA THR A 692 18.22 -7.94 4.56
C THR A 692 17.44 -9.02 3.81
N MET A 693 17.67 -10.27 4.19
CA MET A 693 16.88 -11.42 3.73
C MET A 693 15.56 -11.42 4.49
N ASP A 694 14.66 -10.53 4.07
CA ASP A 694 13.40 -10.30 4.75
C ASP A 694 12.30 -10.15 3.71
N GLY A 695 11.10 -10.64 4.04
CA GLY A 695 9.96 -10.41 3.18
C GLY A 695 10.21 -10.86 1.76
N ALA A 696 9.82 -10.03 0.80
CA ALA A 696 9.99 -10.43 -0.59
C ALA A 696 11.38 -10.14 -1.13
N ASN A 697 12.23 -9.42 -0.37
CA ASN A 697 13.65 -9.33 -0.70
C ASN A 697 14.19 -10.71 -1.02
N VAL A 698 13.79 -11.71 -0.23
CA VAL A 698 14.34 -13.06 -0.42
C VAL A 698 14.05 -13.55 -1.83
N GLU A 699 12.78 -13.44 -2.24
CA GLU A 699 12.39 -13.90 -3.56
C GLU A 699 12.95 -13.01 -4.66
N MET A 700 13.11 -11.70 -4.41
CA MET A 700 13.73 -10.86 -5.43
C MET A 700 15.16 -11.29 -5.68
N ALA A 701 15.92 -11.54 -4.61
CA ALA A 701 17.28 -12.04 -4.76
C ALA A 701 17.30 -13.41 -5.42
N GLU A 702 16.32 -14.25 -5.09
CA GLU A 702 16.26 -15.56 -5.75
C GLU A 702 16.04 -15.41 -7.24
N GLU A 703 15.15 -14.49 -7.63
CA GLU A 703 14.82 -14.30 -9.05
C GLU A 703 16.00 -13.74 -9.82
N ALA A 704 16.72 -12.78 -9.25
CA ALA A 704 17.80 -12.15 -9.98
C ALA A 704 19.13 -12.88 -9.83
N GLY A 705 19.28 -13.69 -8.80
CA GLY A 705 20.58 -14.17 -8.38
C GLY A 705 21.15 -13.31 -7.27
N GLU A 706 21.54 -13.93 -6.15
CA GLU A 706 22.04 -13.16 -5.01
C GLU A 706 23.26 -12.34 -5.37
N GLU A 707 24.02 -12.78 -6.36
CA GLU A 707 25.16 -11.99 -6.80
C GLU A 707 24.74 -10.63 -7.32
N ASN A 708 23.46 -10.42 -7.59
CA ASN A 708 22.96 -9.16 -8.15
C ASN A 708 22.23 -8.31 -7.12
N PHE A 709 22.28 -8.70 -5.85
CA PHE A 709 21.70 -7.95 -4.74
C PHE A 709 22.77 -7.72 -3.70
N PHE A 710 22.65 -6.60 -2.97
CA PHE A 710 23.51 -6.32 -1.83
C PHE A 710 22.77 -6.78 -0.58
N ILE A 711 22.81 -8.09 -0.36
CA ILE A 711 22.19 -8.69 0.82
C ILE A 711 23.18 -8.67 1.97
N PHE A 712 22.71 -8.24 3.15
CA PHE A 712 23.57 -8.18 4.32
C PHE A 712 22.77 -8.54 5.57
N GLY A 713 23.49 -8.76 6.67
CA GLY A 713 22.87 -8.74 7.99
C GLY A 713 22.38 -10.09 8.47
N MET A 714 21.83 -10.05 9.69
CA MET A 714 21.24 -11.26 10.28
C MET A 714 20.13 -11.80 9.41
N ARG A 715 20.05 -13.13 9.32
CA ARG A 715 18.86 -13.81 8.84
C ARG A 715 17.92 -14.03 10.03
N VAL A 716 16.68 -14.40 9.72
CA VAL A 716 15.69 -14.67 10.77
C VAL A 716 16.30 -15.56 11.85
N GLU A 717 17.04 -16.60 11.44
CA GLU A 717 17.62 -17.55 12.41
C GLU A 717 18.59 -16.86 13.34
N ASP A 718 19.36 -15.89 12.83
CA ASP A 718 20.32 -15.18 13.68
C ASP A 718 19.61 -14.26 14.65
N VAL A 719 18.55 -13.60 14.20
CA VAL A 719 17.73 -12.82 15.12
C VAL A 719 17.22 -13.68 16.26
N ASP A 720 16.67 -14.85 15.93
CA ASP A 720 16.16 -15.74 16.97
C ASP A 720 17.27 -16.15 17.94
N ARG A 721 18.47 -16.43 17.44
CA ARG A 721 19.55 -16.80 18.35
C ARG A 721 19.90 -15.66 19.30
N LEU A 722 19.85 -14.43 18.81
CA LEU A 722 20.07 -13.28 19.68
C LEU A 722 18.97 -13.16 20.73
N ASP A 723 17.71 -13.30 20.32
CA ASP A 723 16.61 -13.28 21.29
C ASP A 723 16.79 -14.36 22.34
N GLN A 724 17.23 -15.54 21.91
CA GLN A 724 17.37 -16.66 22.83
C GLN A 724 18.35 -16.36 23.95
N ARG A 725 19.43 -15.65 23.64
CA ARG A 725 20.42 -15.32 24.65
C ARG A 725 20.29 -13.90 25.18
N GLY A 726 19.44 -13.08 24.58
CA GLY A 726 19.29 -11.73 25.05
C GLY A 726 20.12 -10.75 24.26
N TYR A 727 19.47 -9.78 23.64
CA TYR A 727 20.16 -8.78 22.83
C TYR A 727 20.78 -7.72 23.74
N ASN A 728 22.10 -7.61 23.70
CA ASN A 728 22.83 -6.61 24.49
C ASN A 728 23.51 -5.62 23.54
N ALA A 729 22.88 -4.47 23.34
CA ALA A 729 23.46 -3.47 22.44
C ALA A 729 24.80 -2.96 22.94
N GLN A 730 25.01 -2.97 24.25
CA GLN A 730 26.26 -2.46 24.82
C GLN A 730 27.46 -3.20 24.24
N GLU A 731 27.32 -4.49 23.99
CA GLU A 731 28.42 -5.28 23.47
C GLU A 731 28.91 -4.74 22.13
N TYR A 732 27.96 -4.30 21.28
CA TYR A 732 28.31 -3.73 20.00
C TYR A 732 28.97 -2.37 20.17
N TYR A 733 28.38 -1.52 21.01
CA TYR A 733 28.99 -0.24 21.38
C TYR A 733 30.42 -0.44 21.88
N ASP A 734 30.63 -1.43 22.74
CA ASP A 734 31.96 -1.66 23.31
C ASP A 734 32.97 -2.12 22.26
N ARG A 735 32.53 -2.82 21.22
CA ARG A 735 33.46 -3.45 20.29
C ARG A 735 33.64 -2.69 18.98
N ILE A 736 32.88 -1.63 18.74
CA ILE A 736 32.93 -0.92 17.45
C ILE A 736 33.20 0.56 17.68
N PRO A 737 34.47 0.98 17.62
CA PRO A 737 34.79 2.40 17.82
C PRO A 737 33.98 3.37 16.99
N GLU A 738 33.76 3.07 15.70
CA GLU A 738 33.03 4.00 14.86
C GLU A 738 31.56 4.12 15.29
N LEU A 739 30.97 3.03 15.78
CA LEU A 739 29.61 3.13 16.31
C LEU A 739 29.59 3.94 17.60
N ARG A 740 30.55 3.65 18.49
CA ARG A 740 30.67 4.40 19.73
C ARG A 740 30.80 5.89 19.47
N GLN A 741 31.58 6.27 18.44
CA GLN A 741 31.71 7.69 18.11
C GLN A 741 30.38 8.32 17.76
N ILE A 742 29.55 7.62 16.98
CA ILE A 742 28.28 8.17 16.54
C ILE A 742 27.33 8.34 17.73
N ILE A 743 27.28 7.34 18.61
CA ILE A 743 26.39 7.40 19.77
C ILE A 743 26.80 8.55 20.68
N GLU A 744 28.10 8.78 20.83
CA GLU A 744 28.54 9.89 21.65
C GLU A 744 28.21 11.23 21.01
N GLN A 745 28.24 11.30 19.68
CA GLN A 745 27.80 12.52 19.00
C GLN A 745 26.31 12.77 19.24
N LEU A 746 25.49 11.72 19.13
CA LEU A 746 24.06 11.89 19.38
C LEU A 746 23.81 12.31 20.82
N SER A 747 24.46 11.65 21.77
CA SER A 747 24.26 11.92 23.19
C SER A 747 24.70 13.33 23.56
N SER A 748 25.90 13.71 23.13
CA SER A 748 26.50 14.94 23.61
C SER A 748 25.93 16.18 22.96
N GLY A 749 25.09 16.04 21.95
CA GLY A 749 24.46 17.18 21.31
C GLY A 749 25.10 17.63 20.02
N PHE A 750 25.98 16.82 19.43
CA PHE A 750 26.67 17.22 18.21
C PHE A 750 25.69 17.52 17.09
N PHE A 751 24.58 16.80 17.04
CA PHE A 751 23.54 17.02 16.05
C PHE A 751 22.37 17.82 16.58
N SER A 752 22.52 18.42 17.75
CA SER A 752 21.51 19.33 18.30
C SER A 752 22.19 20.26 19.29
N PRO A 753 23.16 21.08 18.83
CA PRO A 753 23.93 21.89 19.79
C PRO A 753 23.06 22.79 20.65
N LYS A 754 21.94 23.28 20.11
CA LYS A 754 21.08 24.18 20.86
C LYS A 754 20.21 23.45 21.87
N GLN A 755 20.09 22.13 21.74
CA GLN A 755 19.35 21.30 22.69
C GLN A 755 20.14 20.02 22.85
N PRO A 756 21.21 20.05 23.65
CA PRO A 756 22.15 18.91 23.65
C PRO A 756 21.53 17.56 23.89
N ASP A 757 20.48 17.44 24.70
CA ASP A 757 19.91 16.11 24.94
C ASP A 757 18.66 15.86 24.11
N LEU A 758 18.53 16.52 22.96
CA LEU A 758 17.35 16.34 22.12
C LEU A 758 17.14 14.87 21.75
N PHE A 759 18.22 14.11 21.51
CA PHE A 759 18.08 12.75 21.01
C PHE A 759 18.35 11.69 22.07
N LYS A 760 18.26 12.05 23.35
CA LYS A 760 18.55 11.08 24.40
C LYS A 760 17.60 9.89 24.36
N ASP A 761 16.35 10.10 23.91
CA ASP A 761 15.43 8.98 23.84
C ASP A 761 15.85 7.99 22.76
N ILE A 762 16.29 8.50 21.60
CA ILE A 762 16.81 7.59 20.56
C ILE A 762 18.01 6.80 21.11
N VAL A 763 18.97 7.51 21.70
CA VAL A 763 20.15 6.86 22.27
C VAL A 763 19.74 5.80 23.29
N ASN A 764 18.83 6.17 24.18
CA ASN A 764 18.43 5.24 25.23
C ASN A 764 17.73 4.03 24.65
N MET A 765 16.86 4.23 23.65
CA MET A 765 16.22 3.09 23.02
C MET A 765 17.24 2.18 22.36
N LEU A 766 18.18 2.77 21.61
CA LEU A 766 19.20 1.99 20.93
C LEU A 766 20.03 1.20 21.93
N MET A 767 20.43 1.84 23.02
CA MET A 767 21.33 1.19 23.98
C MET A 767 20.62 0.16 24.84
N HIS A 768 19.32 0.34 25.13
CA HIS A 768 18.66 -0.45 26.17
C HIS A 768 17.32 -1.05 25.80
N HIS A 769 16.62 -0.57 24.76
CA HIS A 769 15.29 -1.06 24.50
C HIS A 769 15.05 -1.27 23.00
N ASP A 770 16.06 -1.77 22.29
CA ASP A 770 15.96 -1.85 20.83
C ASP A 770 15.44 -3.24 20.46
N ARG A 771 14.13 -3.31 20.17
CA ARG A 771 13.50 -4.53 19.70
C ARG A 771 13.96 -4.94 18.31
N PHE A 772 14.62 -4.07 17.55
CA PHE A 772 14.94 -4.38 16.16
C PHE A 772 16.44 -4.44 15.89
N LYS A 773 17.26 -4.45 16.94
CA LYS A 773 18.65 -4.90 16.85
C LYS A 773 19.44 -4.08 15.82
N VAL A 774 19.29 -2.75 15.90
CA VAL A 774 19.97 -1.87 14.96
C VAL A 774 21.48 -2.11 14.96
N PHE A 775 22.08 -2.11 16.16
CA PHE A 775 23.53 -2.25 16.26
C PHE A 775 24.01 -3.58 15.71
N ALA A 776 23.22 -4.64 15.85
CA ALA A 776 23.66 -5.97 15.44
C ALA A 776 23.90 -6.06 13.94
N ASP A 777 23.28 -5.20 13.14
CA ASP A 777 23.53 -5.21 11.71
C ASP A 777 24.42 -4.05 11.27
N TYR A 778 24.89 -3.22 12.20
CA TYR A 778 25.62 -2.02 11.81
C TYR A 778 26.87 -2.36 10.99
N GLU A 779 27.68 -3.30 11.46
CA GLU A 779 28.96 -3.54 10.79
C GLU A 779 28.77 -4.11 9.39
N GLU A 780 27.93 -5.16 9.25
CA GLU A 780 27.69 -5.73 7.94
C GLU A 780 27.10 -4.72 6.97
N TYR A 781 26.19 -3.87 7.47
CA TYR A 781 25.57 -2.83 6.64
C TYR A 781 26.61 -1.87 6.08
N VAL A 782 27.47 -1.32 6.96
CA VAL A 782 28.49 -0.36 6.53
C VAL A 782 29.43 -0.97 5.49
N LYS A 783 29.84 -2.22 5.70
CA LYS A 783 30.71 -2.91 4.76
C LYS A 783 30.00 -3.24 3.44
N CSO A 784 28.73 -3.59 3.51
CA CSO A 784 27.92 -3.82 2.31
CB CSO A 784 26.54 -4.41 2.68
SG CSO A 784 25.58 -5.01 1.28
C CSO A 784 27.75 -2.52 1.52
O CSO A 784 27.80 -2.52 0.28
OD CSO A 784 26.71 -6.05 0.52
N GLN A 785 27.53 -1.41 2.24
CA GLN A 785 27.47 -0.10 1.62
C GLN A 785 28.81 0.24 0.91
N GLU A 786 29.95 -0.22 1.47
CA GLU A 786 31.22 -0.05 0.78
C GLU A 786 31.21 -0.76 -0.56
N ARG A 787 30.67 -1.99 -0.59
CA ARG A 787 30.59 -2.72 -1.85
C ARG A 787 29.68 -2.01 -2.83
N VAL A 788 28.60 -1.39 -2.33
CA VAL A 788 27.75 -0.58 -3.21
C VAL A 788 28.57 0.51 -3.89
N SER A 789 29.36 1.24 -3.10
CA SER A 789 30.13 2.34 -3.66
C SER A 789 31.16 1.82 -4.64
N ALA A 790 31.77 0.69 -4.32
CA ALA A 790 32.80 0.11 -5.18
C ALA A 790 32.23 -0.25 -6.54
N LEU A 791 31.01 -0.78 -6.60
CA LEU A 791 30.42 -1.08 -7.90
C LEU A 791 30.04 0.20 -8.65
N TYR A 792 29.60 1.23 -7.94
CA TYR A 792 29.13 2.44 -8.61
C TYR A 792 30.27 3.17 -9.31
N LYS A 793 31.50 3.00 -8.82
CA LYS A 793 32.70 3.53 -9.49
C LYS A 793 32.93 2.90 -10.86
N ASN A 794 32.30 1.75 -11.13
CA ASN A 794 32.37 1.08 -12.43
C ASN A 794 31.04 1.21 -13.13
N PRO A 795 30.81 2.29 -13.89
CA PRO A 795 29.45 2.53 -14.43
C PRO A 795 28.94 1.40 -15.29
N ARG A 796 29.81 0.78 -16.08
CA ARG A 796 29.36 -0.29 -16.98
C ARG A 796 28.84 -1.49 -16.18
N GLU A 797 29.58 -1.89 -15.15
CA GLU A 797 29.18 -3.06 -14.38
C GLU A 797 28.00 -2.74 -13.47
N TRP A 798 27.91 -1.53 -12.95
CA TRP A 798 26.69 -1.11 -12.26
C TRP A 798 25.48 -1.31 -13.15
N THR A 799 25.55 -0.78 -14.38
CA THR A 799 24.42 -0.85 -15.30
C THR A 799 24.12 -2.28 -15.73
N ARG A 800 25.16 -3.10 -15.94
CA ARG A 800 24.91 -4.49 -16.29
C ARG A 800 24.19 -5.20 -15.14
N MET A 801 24.58 -4.91 -13.89
CA MET A 801 23.85 -5.53 -12.79
C MET A 801 22.43 -5.01 -12.72
N VAL A 802 22.22 -3.73 -13.04
CA VAL A 802 20.87 -3.20 -13.12
C VAL A 802 20.04 -3.99 -14.13
N ILE A 803 20.61 -4.23 -15.31
CA ILE A 803 19.88 -5.00 -16.32
C ILE A 803 19.46 -6.35 -15.76
N ARG A 804 20.37 -7.00 -15.02
CA ARG A 804 20.03 -8.30 -14.48
C ARG A 804 18.90 -8.23 -13.47
N ASN A 805 18.69 -7.07 -12.83
CA ASN A 805 17.57 -6.89 -11.90
C ASN A 805 16.26 -6.62 -12.64
N ILE A 806 16.24 -5.60 -13.50
CA ILE A 806 15.04 -5.28 -14.29
C ILE A 806 14.56 -6.52 -15.02
N ALA A 807 15.49 -7.25 -15.64
CA ALA A 807 15.14 -8.42 -16.42
C ALA A 807 14.49 -9.53 -15.60
N THR A 808 14.70 -9.57 -14.29
CA THR A 808 14.12 -10.65 -13.47
C THR A 808 13.03 -10.13 -12.51
N SER A 809 12.58 -8.90 -12.69
CA SER A 809 11.52 -8.37 -11.82
C SER A 809 10.13 -8.84 -12.21
N GLY A 810 10.00 -9.69 -13.24
CA GLY A 810 8.69 -10.03 -13.77
C GLY A 810 7.80 -10.75 -12.79
N LYS A 811 8.37 -11.64 -11.96
CA LYS A 811 7.57 -12.34 -10.95
C LYS A 811 6.77 -11.37 -10.05
N PHE A 812 7.23 -10.14 -9.90
CA PHE A 812 6.63 -9.24 -8.93
C PHE A 812 5.56 -8.34 -9.54
N SER A 813 5.10 -8.70 -10.73
CA SER A 813 3.91 -8.06 -11.27
C SER A 813 2.68 -8.49 -10.49
N SER A 814 1.83 -7.53 -10.13
CA SER A 814 0.60 -7.93 -9.46
C SER A 814 -0.34 -8.71 -10.37
N ASP A 815 -0.12 -8.75 -11.69
CA ASP A 815 -0.89 -9.68 -12.51
C ASP A 815 -0.61 -11.11 -12.09
N ARG A 816 0.66 -11.42 -11.81
CA ARG A 816 1.01 -12.76 -11.34
C ARG A 816 0.34 -13.05 -10.00
N THR A 817 0.47 -12.11 -9.05
CA THR A 817 -0.20 -12.25 -7.76
C THR A 817 -1.70 -12.48 -7.93
N ILE A 818 -2.35 -11.64 -8.73
CA ILE A 818 -3.80 -11.75 -8.87
C ILE A 818 -4.17 -13.07 -9.55
N ALA A 819 -3.43 -13.45 -10.59
CA ALA A 819 -3.70 -14.74 -11.24
C ALA A 819 -3.71 -15.88 -10.23
N GLN A 820 -2.80 -15.82 -9.24
CA GLN A 820 -2.76 -16.86 -8.22
C GLN A 820 -3.97 -16.78 -7.29
N TYR A 821 -4.29 -15.59 -6.79
CA TYR A 821 -5.51 -15.45 -5.99
C TYR A 821 -6.70 -16.04 -6.75
N ALA A 822 -6.81 -15.70 -8.04
CA ALA A 822 -7.95 -16.15 -8.82
C ALA A 822 -8.02 -17.67 -8.88
N ARG A 823 -6.91 -18.32 -9.21
CA ARG A 823 -6.94 -19.76 -9.42
C ARG A 823 -6.91 -20.55 -8.11
N GLU A 824 -6.22 -20.05 -7.09
CA GLU A 824 -5.95 -20.84 -5.89
C GLU A 824 -6.87 -20.52 -4.72
N ILE A 825 -7.57 -19.39 -4.74
CA ILE A 825 -8.48 -19.00 -3.68
C ILE A 825 -9.88 -18.76 -4.21
N TRP A 826 -10.01 -17.88 -5.20
CA TRP A 826 -11.33 -17.45 -5.66
C TRP A 826 -12.00 -18.45 -6.58
N GLY A 827 -11.23 -19.31 -7.24
CA GLY A 827 -11.84 -20.26 -8.17
C GLY A 827 -12.34 -19.62 -9.45
N VAL A 828 -11.63 -18.63 -9.97
CA VAL A 828 -11.97 -18.06 -11.27
C VAL A 828 -10.72 -18.05 -12.12
N GLU A 829 -10.92 -18.15 -13.43
CA GLU A 829 -9.79 -18.21 -14.36
C GLU A 829 -9.58 -16.84 -14.98
N PRO A 830 -8.40 -16.25 -14.84
CA PRO A 830 -8.14 -14.94 -15.44
C PRO A 830 -8.14 -15.02 -16.97
N SER A 831 -8.23 -13.84 -17.59
CA SER A 831 -8.23 -13.75 -19.05
C SER A 831 -7.82 -12.34 -19.45
N ARG A 832 -6.83 -12.24 -20.34
CA ARG A 832 -6.37 -10.95 -20.83
C ARG A 832 -6.95 -10.62 -22.20
N GLN A 833 -8.03 -11.29 -22.60
CA GLN A 833 -8.67 -11.01 -23.88
C GLN A 833 -9.51 -9.74 -23.83
N ARG A 834 -9.61 -9.10 -25.00
CA ARG A 834 -10.33 -7.84 -25.17
C ARG A 834 -11.84 -8.05 -25.07
N LEU A 835 -12.53 -7.09 -24.39
CA LEU A 835 -13.97 -6.94 -24.54
C LEU A 835 -14.24 -6.15 -25.84
N PRO A 836 -15.41 -6.36 -26.47
CA PRO A 836 -15.63 -5.79 -27.82
C PRO A 836 -15.63 -4.26 -27.86
C4 A1IFQ B . -22.23 19.00 -28.12
C14 A1IFQ B . -21.17 17.22 -25.16
C5 A1IFQ B . -21.89 18.56 -26.84
C6 A1IFQ B . -21.91 19.30 -25.66
C11 A1IFQ B . -21.44 21.24 -28.83
C7 A1IFQ B . -22.06 18.09 -29.17
C8 A1IFQ B . -21.61 16.80 -28.93
C9 A1IFQ B . -21.26 16.36 -27.66
C10 A1IFQ B . -21.39 17.26 -26.57
C12 A1IFQ B . -23.82 20.61 -29.30
C13 A1IFQ B . -20.80 14.92 -27.53
N1 A1IFQ B . -21.50 18.46 -24.63
N2 A1IFQ B . -20.69 16.18 -24.55
C3 A1IFQ B . -22.65 20.45 -28.31
C1 A1IFQ B . -22.45 20.51 -25.66
C2 A1IFQ B . -23.06 21.04 -26.94
O1 A1IFQ B . -24.45 20.81 -26.78
O2 A1IFQ B . -20.23 14.55 -26.49
O3 A1IFQ B . -21.02 14.17 -28.50
C15 A1IFQ B . -21.41 18.85 -23.24
O4 A1IFQ B . -21.09 19.90 -19.26
C16 A1IFQ B . -20.18 18.80 -22.61
C17 A1IFQ B . -20.08 19.15 -21.28
C18 A1IFQ B . -21.21 19.56 -20.58
C19 A1IFQ B . -22.44 19.61 -21.22
C20 A1IFQ B . -22.54 19.24 -22.55
C21 A1IFQ B . -20.85 15.79 -23.20
C22 A1IFQ B . -19.75 15.33 -22.48
C23 A1IFQ B . -19.88 14.95 -21.15
C24 A1IFQ B . -21.13 15.01 -20.54
C25 A1IFQ B . -22.23 15.45 -21.26
C26 A1IFQ B . -22.09 15.83 -22.58
O5 A1IFQ B . -21.26 14.62 -19.24
S DMS C . -7.79 0.54 -26.01
O DMS C . -7.94 -0.94 -26.31
C1 DMS C . -8.07 1.17 -24.39
C2 DMS C . -7.43 1.81 -27.25
S DMS D . 12.12 18.27 0.14
O DMS D . 13.57 18.12 -0.25
C1 DMS D . 11.50 19.52 1.29
C2 DMS D . 10.90 17.09 -0.38
S DMS E . 18.53 -16.04 -12.64
O DMS E . 19.47 -15.19 -13.47
C1 DMS E . 18.70 -16.24 -10.86
C2 DMS E . 17.16 -16.99 -13.31
S DMS F . 26.94 -7.62 -4.14
O DMS F . 26.54 -8.89 -3.44
C1 DMS F . 28.54 -6.82 -3.93
C2 DMS F . 25.89 -6.92 -5.42
S DMS G . 16.54 -14.02 27.69
O DMS G . 17.94 -14.58 27.86
C1 DMS G . 16.11 -12.31 28.10
C2 DMS G . 15.16 -15.01 27.09
S DMS H . 15.61 -5.61 24.52
O DMS H . 15.83 -6.75 23.53
C1 DMS H . 16.70 -5.32 25.94
C2 DMS H . 14.22 -4.47 24.39
S DMS I . -15.00 -26.20 24.47
O DMS I . -14.32 -27.30 23.67
C1 DMS I . -15.34 -26.30 26.24
C2 DMS I . -15.60 -24.67 23.71
S DMS J . -21.04 19.44 16.34
O DMS J . -21.13 20.34 17.55
C1 DMS J . -21.80 17.82 16.26
C2 DMS J . -20.13 19.90 14.86
S DMS K . -24.68 -2.92 -9.53
O DMS K . -23.43 -2.81 -10.38
C1 DMS K . -25.06 -1.74 -8.21
C2 DMS K . -25.89 -4.24 -9.73
S DMS L . -31.85 -5.07 11.54
O DMS L . -31.24 -6.16 10.71
C1 DMS L . -30.90 -3.85 12.46
C2 DMS L . -33.63 -4.86 11.77
S DMS M . -23.24 7.13 15.09
O DMS M . -21.80 6.66 15.11
C1 DMS M . -23.70 8.84 15.45
C2 DMS M . -24.65 6.02 14.88
S DMS N . 14.45 -18.93 -10.45
O DMS N . 15.25 -17.65 -10.49
C1 DMS N . 14.24 -19.90 -8.94
C2 DMS N . 13.63 -19.64 -11.89
S DMS O . -21.53 1.91 -13.65
O DMS O . -21.42 0.61 -12.88
C1 DMS O . -22.18 3.42 -12.92
C2 DMS O . -21.04 2.11 -15.39
S DMS P . -18.65 10.80 16.69
O DMS P . -17.81 11.90 16.04
C1 DMS P . -18.88 10.72 18.48
C2 DMS P . -19.44 9.43 15.84
S DMS Q . -27.11 26.74 18.82
O DMS Q . -25.85 26.25 18.12
C1 DMS Q . -27.69 26.02 20.36
C2 DMS Q . -28.16 28.06 18.18
S DMS R . 20.84 -9.44 -28.76
O DMS R . 20.39 -10.59 -29.64
C1 DMS R . 20.32 -9.35 -27.06
C2 DMS R . 21.86 -8.05 -29.29
S DMS S . 10.01 -5.38 -31.20
O DMS S . 11.40 -5.66 -30.71
C1 DMS S . 9.48 -3.70 -31.63
C2 DMS S . 8.76 -6.66 -31.41
#